data_1V6V
#
_entry.id   1V6V
#
_cell.length_a   78.560
_cell.length_b   93.990
_cell.length_c   139.130
_cell.angle_alpha   90.00
_cell.angle_beta   90.00
_cell.angle_gamma   90.00
#
_symmetry.space_group_name_H-M   'P 21 21 21'
#
loop_
_entity.id
_entity.type
_entity.pdbx_description
1 polymer ENDO-1,4-BETA-D-XYLANASE
2 branched alpha-L-arabinofuranose-(1-3)-[beta-D-xylopyranose-(1-4)]beta-D-xylopyranose-(1-4)-beta-D-xylopyranose
3 branched beta-D-xylopyranose-(1-4)-beta-D-xylopyranose
4 branched beta-D-xylopyranose-(1-4)-beta-D-xylopyranose-(1-4)-beta-D-xylopyranose
5 non-polymer beta-D-xylopyranose
6 water water
#
_entity_poly.entity_id   1
_entity_poly.type   'polypeptide(L)'
_entity_poly.pdbx_seq_one_letter_code
;AESTLGAAAAQSGRYFGTAIASGKLGDSAYTTIASREFNMVTAENEMKIDATEPQRGQFNFSAGDRVYNWAVQNGKQVRG
HTLAWHSQQPGWMQSLSGSTLRQAMIDHINGVMGHYKGKIAQWDVVNEAFSDDGSGGRRDSNLQRTGNDWIEVAFRTARA
ADPAAKLCYNDYNIENWTWAKTQGVYNMVRDFKQRGVPIDCVGFQSHFNSGSPYNSNFRTTLQNFAALGVDVAITELDIQ
GASSSTYAAVTNDCLAVSRCLGITVWGVRDTDSWRSGDTPLLFNGDGSKKAAYTAVLNALNGGSSTPPPSGGGQIKGVGS
GRCLDVPNASTTDGTQVQLYDCHSATNQQWTYTDAGELRVYGDKCLDAAGTGNGTKVQIYSCWGGDNQKWRLNSDGSIVG
VQSGLCLDAVGGGTANGTLIQLYSCSNGSNQRWTRT
;
_entity_poly.pdbx_strand_id   A,B
#
# COMPACT_ATOMS: atom_id res chain seq x y z
N ALA A 1 20.11 25.32 -3.41
CA ALA A 1 19.13 26.43 -3.16
C ALA A 1 17.76 26.03 -3.69
N GLU A 2 17.66 24.84 -4.25
CA GLU A 2 16.40 24.37 -4.78
C GLU A 2 16.36 22.88 -5.08
N SER A 3 17.35 22.13 -4.58
CA SER A 3 17.36 20.69 -4.78
C SER A 3 16.82 20.00 -3.53
N THR A 4 16.65 20.76 -2.45
CA THR A 4 16.12 20.21 -1.20
C THR A 4 14.98 21.08 -0.69
N LEU A 5 14.10 20.48 0.12
CA LEU A 5 12.94 21.20 0.64
C LEU A 5 13.28 22.46 1.43
N GLY A 6 14.21 22.35 2.37
CA GLY A 6 14.57 23.50 3.18
C GLY A 6 15.13 24.64 2.37
N ALA A 7 16.08 24.33 1.50
CA ALA A 7 16.71 25.33 0.64
C ALA A 7 15.69 26.02 -0.27
N ALA A 8 14.78 25.22 -0.82
CA ALA A 8 13.75 25.76 -1.71
C ALA A 8 12.84 26.72 -0.94
N ALA A 9 12.43 26.33 0.27
CA ALA A 9 11.59 27.18 1.08
C ALA A 9 12.33 28.46 1.45
N ALA A 10 13.62 28.33 1.72
CA ALA A 10 14.45 29.47 2.10
C ALA A 10 14.48 30.57 1.04
N GLN A 11 14.27 30.19 -0.22
CA GLN A 11 14.25 31.16 -1.31
C GLN A 11 13.19 32.24 -1.10
N SER A 12 12.12 31.89 -0.38
CA SER A 12 11.06 32.85 -0.11
C SER A 12 11.07 33.28 1.35
N GLY A 13 12.17 32.99 2.04
CA GLY A 13 12.32 33.38 3.43
C GLY A 13 11.57 32.49 4.41
N ARG A 14 11.20 31.30 3.94
CA ARG A 14 10.47 30.35 4.77
C ARG A 14 11.35 29.16 5.12
N TYR A 15 10.79 28.22 5.87
CA TYR A 15 11.52 27.03 6.26
C TYR A 15 10.68 25.81 5.95
N PHE A 16 11.32 24.65 5.92
CA PHE A 16 10.60 23.40 5.74
C PHE A 16 11.24 22.49 6.78
N GLY A 17 10.44 22.09 7.76
CA GLY A 17 11.00 21.27 8.81
C GLY A 17 10.32 19.92 9.01
N THR A 18 10.77 19.21 10.03
CA THR A 18 10.23 17.90 10.33
C THR A 18 10.21 17.71 11.85
N ALA A 19 9.69 16.57 12.28
CA ALA A 19 9.66 16.23 13.70
C ALA A 19 10.77 15.21 13.88
N ILE A 20 11.65 15.47 14.84
CA ILE A 20 12.77 14.59 15.10
C ILE A 20 12.60 13.78 16.39
N ALA A 21 13.05 12.53 16.36
CA ALA A 21 13.01 11.64 17.52
C ALA A 21 14.47 11.29 17.74
N SER A 22 15.03 11.67 18.88
CA SER A 22 16.44 11.42 19.17
C SER A 22 16.85 9.96 19.09
N GLY A 23 15.91 9.06 19.35
CA GLY A 23 16.23 7.64 19.28
C GLY A 23 16.59 7.18 17.89
N LYS A 24 16.29 8.00 16.89
CA LYS A 24 16.58 7.65 15.50
C LYS A 24 17.81 8.38 14.95
N LEU A 25 18.40 9.24 15.76
CA LEU A 25 19.59 9.99 15.33
C LEU A 25 20.81 9.10 15.09
N GLY A 26 20.74 7.86 15.55
CA GLY A 26 21.85 6.94 15.35
C GLY A 26 21.67 6.15 14.05
N ASP A 27 20.52 6.34 13.42
CA ASP A 27 20.18 5.67 12.17
C ASP A 27 20.64 6.55 11.01
N SER A 28 21.73 6.15 10.35
CA SER A 28 22.28 6.92 9.23
C SER A 28 21.28 7.19 8.11
N ALA A 29 20.39 6.24 7.85
CA ALA A 29 19.39 6.43 6.79
C ALA A 29 18.46 7.58 7.16
N TYR A 30 18.11 7.64 8.43
CA TYR A 30 17.23 8.68 8.95
C TYR A 30 17.89 10.05 8.93
N THR A 31 19.09 10.15 9.51
CA THR A 31 19.79 11.44 9.58
C THR A 31 20.27 11.94 8.22
N THR A 32 20.57 11.04 7.30
CA THR A 32 21.01 11.47 5.97
C THR A 32 19.91 12.29 5.33
N ILE A 33 18.67 11.82 5.44
CA ILE A 33 17.53 12.53 4.89
C ILE A 33 17.22 13.80 5.68
N ALA A 34 17.07 13.66 7.00
CA ALA A 34 16.74 14.79 7.86
C ALA A 34 17.73 15.96 7.83
N SER A 35 19.02 15.67 7.86
CA SER A 35 20.00 16.76 7.84
C SER A 35 20.00 17.50 6.51
N ARG A 36 19.72 16.78 5.44
CA ARG A 36 19.71 17.34 4.09
C ARG A 36 18.46 18.13 3.68
N GLU A 37 17.29 17.58 3.98
CA GLU A 37 16.03 18.17 3.54
C GLU A 37 15.35 19.26 4.37
N PHE A 38 15.63 19.32 5.67
CA PHE A 38 14.95 20.29 6.53
C PHE A 38 15.84 21.32 7.20
N ASN A 39 15.32 22.53 7.39
CA ASN A 39 16.07 23.56 8.10
C ASN A 39 15.31 24.06 9.32
N MET A 40 14.39 23.23 9.81
CA MET A 40 13.62 23.52 11.01
C MET A 40 13.30 22.19 11.66
N VAL A 41 13.43 22.13 12.98
CA VAL A 41 13.18 20.91 13.72
C VAL A 41 12.25 21.10 14.92
N THR A 42 11.38 20.12 15.12
CA THR A 42 10.47 20.10 16.26
C THR A 42 10.74 18.73 16.90
N ALA A 43 10.86 18.70 18.23
CA ALA A 43 11.09 17.42 18.90
C ALA A 43 9.73 16.74 18.93
N GLU A 44 9.65 15.54 18.38
CA GLU A 44 8.39 14.82 18.33
C GLU A 44 7.79 14.55 19.71
N ASN A 45 8.65 14.28 20.70
CA ASN A 45 8.17 13.99 22.06
C ASN A 45 9.06 14.50 23.19
N GLU A 46 10.34 14.69 22.89
CA GLU A 46 11.33 15.08 23.89
C GLU A 46 11.26 16.42 24.61
N MET A 47 10.36 17.31 24.17
CA MET A 47 10.23 18.59 24.85
C MET A 47 8.85 18.75 25.46
N LYS A 48 8.10 17.65 25.51
CA LYS A 48 6.76 17.67 26.09
C LYS A 48 6.88 17.72 27.62
N ILE A 49 5.75 17.94 28.29
CA ILE A 49 5.76 18.05 29.73
C ILE A 49 6.35 16.87 30.49
N ASP A 50 5.89 15.66 30.20
CA ASP A 50 6.39 14.48 30.90
C ASP A 50 7.87 14.20 30.63
N ALA A 51 8.34 14.50 29.42
CA ALA A 51 9.73 14.27 29.06
C ALA A 51 10.69 15.29 29.66
N THR A 52 10.20 16.50 29.95
CA THR A 52 11.04 17.56 30.49
C THR A 52 10.94 17.73 32.01
N GLU A 53 9.83 17.28 32.59
CA GLU A 53 9.63 17.38 34.03
C GLU A 53 8.99 16.08 34.52
N PRO A 54 9.74 14.97 34.45
CA PRO A 54 9.34 13.62 34.84
C PRO A 54 8.68 13.57 36.22
N GLN A 55 9.31 14.27 37.17
CA GLN A 55 8.81 14.38 38.53
C GLN A 55 8.68 15.87 38.80
N ARG A 56 7.65 16.27 39.54
CA ARG A 56 7.44 17.68 39.84
C ARG A 56 8.69 18.34 40.42
N GLY A 57 9.07 19.49 39.86
CA GLY A 57 10.23 20.21 40.32
C GLY A 57 11.55 19.65 39.83
N GLN A 58 11.52 18.50 39.17
CA GLN A 58 12.74 17.88 38.67
C GLN A 58 12.77 17.85 37.14
N PHE A 59 13.44 18.82 36.56
CA PHE A 59 13.55 18.94 35.10
C PHE A 59 14.66 18.05 34.57
N ASN A 60 14.44 17.48 33.38
CA ASN A 60 15.44 16.63 32.74
C ASN A 60 15.43 16.96 31.25
N PHE A 61 16.47 17.63 30.80
CA PHE A 61 16.57 18.05 29.41
C PHE A 61 17.51 17.20 28.57
N SER A 62 17.82 16.01 29.06
CA SER A 62 18.73 15.11 28.36
C SER A 62 18.25 14.82 26.94
N ALA A 63 17.02 14.31 26.81
CA ALA A 63 16.46 13.98 25.51
C ALA A 63 16.22 15.23 24.67
N GLY A 64 15.62 16.24 25.28
CA GLY A 64 15.33 17.48 24.58
C GLY A 64 16.57 18.15 24.02
N ASP A 65 17.64 18.17 24.80
CA ASP A 65 18.88 18.79 24.36
C ASP A 65 19.52 17.98 23.23
N ARG A 66 19.30 16.67 23.22
CA ARG A 66 19.86 15.83 22.16
C ARG A 66 19.24 16.26 20.83
N VAL A 67 17.95 16.56 20.84
CA VAL A 67 17.26 16.99 19.63
C VAL A 67 17.69 18.40 19.28
N TYR A 68 17.68 19.29 20.27
CA TYR A 68 18.07 20.67 20.05
C TYR A 68 19.49 20.77 19.49
N ASN A 69 20.45 20.09 20.13
CA ASN A 69 21.83 20.14 19.67
C ASN A 69 21.99 19.62 18.24
N TRP A 70 21.34 18.52 17.91
CA TRP A 70 21.42 17.98 16.57
C TRP A 70 20.91 19.03 15.58
N ALA A 71 19.78 19.64 15.92
CA ALA A 71 19.18 20.66 15.06
C ALA A 71 20.14 21.81 14.78
N VAL A 72 20.56 22.52 15.82
CA VAL A 72 21.45 23.66 15.64
C VAL A 72 22.77 23.28 14.98
N GLN A 73 23.36 22.16 15.41
CA GLN A 73 24.63 21.71 14.82
C GLN A 73 24.49 21.40 13.34
N ASN A 74 23.26 21.10 12.90
CA ASN A 74 23.03 20.78 11.49
C ASN A 74 22.34 21.91 10.73
N GLY A 75 22.39 23.11 11.31
CA GLY A 75 21.80 24.29 10.67
C GLY A 75 20.30 24.44 10.64
N LYS A 76 19.61 23.90 11.63
CA LYS A 76 18.15 24.02 11.66
C LYS A 76 17.68 24.81 12.87
N GLN A 77 16.65 25.63 12.67
CA GLN A 77 16.10 26.37 13.79
C GLN A 77 15.26 25.34 14.53
N VAL A 78 14.71 25.73 15.68
CA VAL A 78 13.91 24.81 16.46
C VAL A 78 12.58 25.39 16.95
N ARG A 79 11.53 24.57 16.89
CA ARG A 79 10.22 24.94 17.38
C ARG A 79 10.07 24.15 18.68
N GLY A 80 9.82 24.85 19.79
CA GLY A 80 9.64 24.18 21.07
C GLY A 80 8.22 23.64 21.14
N HIS A 81 8.08 22.37 21.53
CA HIS A 81 6.77 21.72 21.59
C HIS A 81 6.75 20.69 22.74
N THR A 82 5.89 20.86 23.74
CA THR A 82 4.93 21.95 23.90
C THR A 82 4.84 22.21 25.42
N LEU A 83 4.65 23.46 25.82
CA LEU A 83 4.64 23.85 27.24
C LEU A 83 3.41 23.59 28.11
N ALA A 84 2.21 23.78 27.56
CA ALA A 84 0.98 23.57 28.33
C ALA A 84 0.03 22.75 27.48
N TRP A 85 -0.30 21.55 27.95
CA TRP A 85 -1.14 20.65 27.19
C TRP A 85 -1.86 19.68 28.12
N HIS A 86 -3.06 19.25 27.74
CA HIS A 86 -3.82 18.32 28.57
C HIS A 86 -3.34 16.89 28.38
N SER A 87 -2.70 16.63 27.24
CA SER A 87 -2.19 15.30 26.92
C SER A 87 -0.72 15.12 27.26
N GLN A 88 -0.33 13.86 27.45
CA GLN A 88 1.04 13.50 27.80
C GLN A 88 1.62 14.27 28.98
N GLN A 89 0.77 14.51 29.98
CA GLN A 89 1.23 15.19 31.19
C GLN A 89 1.82 14.09 32.06
N PRO A 90 2.84 14.41 32.85
CA PRO A 90 3.40 13.36 33.69
C PRO A 90 2.34 12.94 34.72
N GLY A 91 2.46 11.71 35.21
CA GLY A 91 1.49 11.21 36.18
C GLY A 91 1.13 12.19 37.29
N TRP A 92 2.14 12.79 37.90
CA TRP A 92 1.92 13.74 38.99
C TRP A 92 1.06 14.93 38.60
N MET A 93 1.28 15.48 37.41
CA MET A 93 0.51 16.64 36.97
C MET A 93 -0.93 16.28 36.63
N GLN A 94 -1.15 15.05 36.20
CA GLN A 94 -2.49 14.61 35.84
C GLN A 94 -3.43 14.62 37.05
N SER A 95 -2.90 14.26 38.21
CA SER A 95 -3.69 14.20 39.43
C SER A 95 -3.84 15.56 40.10
N LEU A 96 -3.11 16.56 39.63
CA LEU A 96 -3.20 17.91 40.20
C LEU A 96 -4.45 18.62 39.70
N SER A 97 -4.81 19.70 40.40
CA SER A 97 -5.99 20.48 40.04
C SER A 97 -6.01 21.83 40.73
N GLY A 98 -6.95 22.69 40.32
CA GLY A 98 -7.08 24.00 40.92
C GLY A 98 -5.84 24.87 40.86
N SER A 99 -5.69 25.72 41.87
CA SER A 99 -4.55 26.63 41.95
C SER A 99 -3.23 25.87 42.00
N THR A 100 -3.29 24.63 42.48
CA THR A 100 -2.09 23.80 42.57
C THR A 100 -1.58 23.52 41.15
N LEU A 101 -2.51 23.20 40.25
CA LEU A 101 -2.18 22.92 38.87
C LEU A 101 -1.71 24.18 38.15
N ARG A 102 -2.40 25.30 38.41
CA ARG A 102 -2.05 26.56 37.77
C ARG A 102 -0.61 26.96 38.07
N GLN A 103 -0.21 26.88 39.34
CA GLN A 103 1.15 27.24 39.71
C GLN A 103 2.17 26.30 39.06
N ALA A 104 1.81 25.02 38.98
CA ALA A 104 2.68 24.03 38.37
C ALA A 104 2.84 24.33 36.88
N MET A 105 1.75 24.75 36.25
CA MET A 105 1.78 25.11 34.83
C MET A 105 2.81 26.20 34.62
N ILE A 106 2.71 27.24 35.45
CA ILE A 106 3.63 28.37 35.38
C ILE A 106 5.07 27.94 35.64
N ASP A 107 5.27 27.13 36.68
CA ASP A 107 6.61 26.67 37.01
C ASP A 107 7.22 25.88 35.86
N HIS A 108 6.40 25.05 35.22
CA HIS A 108 6.88 24.25 34.10
C HIS A 108 7.36 25.16 32.96
N ILE A 109 6.50 26.09 32.56
CA ILE A 109 6.83 27.02 31.50
C ILE A 109 8.16 27.74 31.78
N ASN A 110 8.29 28.28 32.99
CA ASN A 110 9.49 29.00 33.38
C ASN A 110 10.74 28.11 33.36
N GLY A 111 10.59 26.87 33.83
CA GLY A 111 11.72 25.96 33.86
C GLY A 111 12.20 25.56 32.48
N VAL A 112 11.29 25.15 31.62
CA VAL A 112 11.64 24.75 30.27
C VAL A 112 12.13 25.92 29.42
N MET A 113 11.33 26.98 29.34
CA MET A 113 11.72 28.14 28.55
C MET A 113 13.01 28.77 29.08
N GLY A 114 13.19 28.74 30.40
CA GLY A 114 14.40 29.29 30.98
C GLY A 114 15.63 28.53 30.50
N HIS A 115 15.51 27.22 30.45
CA HIS A 115 16.62 26.36 30.00
C HIS A 115 17.01 26.68 28.56
N TYR A 116 16.02 26.84 27.70
CA TYR A 116 16.24 27.12 26.28
C TYR A 116 16.16 28.60 25.93
N LYS A 117 16.21 29.46 26.94
CA LYS A 117 16.11 30.90 26.71
C LYS A 117 16.98 31.41 25.57
N GLY A 118 16.35 32.06 24.60
CA GLY A 118 17.06 32.63 23.47
C GLY A 118 17.55 31.66 22.40
N LYS A 119 17.23 30.38 22.54
CA LYS A 119 17.67 29.38 21.57
C LYS A 119 16.54 28.82 20.71
N ILE A 120 15.30 29.18 21.04
CA ILE A 120 14.13 28.68 20.33
C ILE A 120 13.43 29.72 19.46
N ALA A 121 13.16 29.36 18.21
CA ALA A 121 12.49 30.26 17.27
C ALA A 121 11.03 30.46 17.63
N GLN A 122 10.32 29.35 17.83
CA GLN A 122 8.90 29.37 18.16
C GLN A 122 8.61 28.37 19.26
N TRP A 123 7.63 28.70 20.10
CA TRP A 123 7.22 27.82 21.18
C TRP A 123 5.71 27.56 21.09
N ASP A 124 5.32 26.29 21.12
CA ASP A 124 3.91 25.97 21.15
C ASP A 124 3.59 26.07 22.63
N VAL A 125 3.27 27.28 23.08
CA VAL A 125 2.99 27.53 24.50
C VAL A 125 1.80 26.71 24.98
N VAL A 126 0.70 26.77 24.23
CA VAL A 126 -0.50 26.04 24.57
C VAL A 126 -0.89 25.15 23.38
N ASN A 127 -1.27 23.92 23.66
CA ASN A 127 -1.64 22.97 22.62
C ASN A 127 -3.05 22.43 22.83
N GLU A 128 -3.80 22.36 21.74
CA GLU A 128 -5.16 21.81 21.71
C GLU A 128 -6.07 22.16 22.89
N ALA A 129 -6.37 23.44 23.06
CA ALA A 129 -7.22 23.87 24.16
C ALA A 129 -8.70 23.89 23.82
N PHE A 130 -9.05 23.62 22.56
CA PHE A 130 -10.44 23.62 22.16
C PHE A 130 -11.04 22.24 21.91
N SER A 131 -12.34 22.12 22.11
CA SER A 131 -13.07 20.88 21.94
C SER A 131 -13.45 20.57 20.49
N ASP A 132 -13.76 19.29 20.23
CA ASP A 132 -14.16 18.84 18.90
C ASP A 132 -15.66 18.56 18.87
N ASP A 133 -16.34 18.82 19.98
CA ASP A 133 -17.78 18.57 20.06
C ASP A 133 -18.59 19.43 19.08
N GLY A 134 -17.96 20.44 18.49
CA GLY A 134 -18.65 21.29 17.55
C GLY A 134 -19.31 22.52 18.15
N SER A 135 -18.99 22.81 19.41
CA SER A 135 -19.57 23.96 20.09
C SER A 135 -18.66 25.19 19.95
N GLY A 136 -17.40 24.94 19.64
CA GLY A 136 -16.44 26.02 19.50
C GLY A 136 -15.91 26.44 20.85
N GLY A 137 -16.20 25.64 21.88
CA GLY A 137 -15.74 25.96 23.22
C GLY A 137 -14.45 25.27 23.62
N ARG A 138 -14.02 25.54 24.84
CA ARG A 138 -12.79 24.98 25.39
C ARG A 138 -12.91 23.49 25.69
N ARG A 139 -11.79 22.79 25.62
CA ARG A 139 -11.75 21.36 25.91
C ARG A 139 -11.81 21.20 27.43
N ASP A 140 -12.57 20.23 27.91
CA ASP A 140 -12.68 20.02 29.35
C ASP A 140 -11.47 19.23 29.84
N SER A 141 -10.57 19.91 30.55
CA SER A 141 -9.37 19.28 31.08
C SER A 141 -9.03 19.90 32.42
N ASN A 142 -8.10 19.28 33.15
CA ASN A 142 -7.71 19.82 34.44
C ASN A 142 -7.19 21.24 34.28
N LEU A 143 -6.61 21.53 33.12
CA LEU A 143 -6.08 22.87 32.86
C LEU A 143 -7.21 23.89 32.73
N GLN A 144 -8.25 23.54 31.97
CA GLN A 144 -9.38 24.45 31.78
C GLN A 144 -10.16 24.64 33.09
N ARG A 145 -10.17 23.60 33.92
CA ARG A 145 -10.89 23.65 35.19
C ARG A 145 -10.22 24.58 36.21
N THR A 146 -9.03 25.06 35.90
CA THR A 146 -8.32 25.96 36.79
C THR A 146 -8.71 27.40 36.48
N GLY A 147 -9.54 27.57 35.46
CA GLY A 147 -9.96 28.89 35.04
C GLY A 147 -9.79 29.08 33.54
N ASN A 148 -10.80 29.67 32.91
CA ASN A 148 -10.77 29.91 31.47
C ASN A 148 -9.59 30.77 31.06
N ASP A 149 -8.95 31.41 32.04
CA ASP A 149 -7.82 32.28 31.78
C ASP A 149 -6.46 31.59 31.78
N TRP A 150 -6.43 30.26 31.81
CA TRP A 150 -5.16 29.57 31.83
C TRP A 150 -4.33 29.83 30.57
N ILE A 151 -4.98 29.86 29.42
CA ILE A 151 -4.28 30.11 28.16
C ILE A 151 -3.58 31.47 28.23
N GLU A 152 -4.34 32.51 28.53
CA GLU A 152 -3.78 33.86 28.63
C GLU A 152 -2.61 33.91 29.59
N VAL A 153 -2.78 33.29 30.76
CA VAL A 153 -1.72 33.27 31.77
C VAL A 153 -0.49 32.55 31.23
N ALA A 154 -0.71 31.47 30.50
CA ALA A 154 0.40 30.70 29.93
C ALA A 154 1.23 31.59 29.01
N PHE A 155 0.57 32.35 28.15
CA PHE A 155 1.27 33.23 27.22
C PHE A 155 2.01 34.37 27.91
N ARG A 156 1.36 34.97 28.90
CA ARG A 156 1.99 36.07 29.63
C ARG A 156 3.22 35.54 30.34
N THR A 157 3.11 34.33 30.87
CA THR A 157 4.25 33.70 31.56
C THR A 157 5.37 33.49 30.55
N ALA A 158 5.03 32.88 29.42
CA ALA A 158 5.99 32.59 28.38
C ALA A 158 6.75 33.84 27.93
N ARG A 159 6.01 34.92 27.64
CA ARG A 159 6.63 36.15 27.21
C ARG A 159 7.74 36.60 28.14
N ALA A 160 7.45 36.63 29.44
CA ALA A 160 8.42 37.05 30.44
C ALA A 160 9.62 36.10 30.50
N ALA A 161 9.34 34.80 30.44
CA ALA A 161 10.39 33.79 30.49
C ALA A 161 11.39 33.95 29.35
N ASP A 162 10.89 34.20 28.15
CA ASP A 162 11.76 34.37 26.99
C ASP A 162 11.09 35.24 25.93
N PRO A 163 11.29 36.56 26.00
CA PRO A 163 10.71 37.54 25.06
C PRO A 163 11.20 37.43 23.62
N ALA A 164 12.31 36.74 23.41
CA ALA A 164 12.86 36.59 22.06
C ALA A 164 12.17 35.50 21.26
N ALA A 165 11.41 34.65 21.94
CA ALA A 165 10.71 33.56 21.26
C ALA A 165 9.32 33.96 20.78
N LYS A 166 8.93 33.40 19.64
CA LYS A 166 7.60 33.67 19.11
C LYS A 166 6.68 32.69 19.80
N LEU A 167 5.63 33.21 20.44
CA LEU A 167 4.69 32.38 21.15
C LEU A 167 3.50 31.98 20.30
N CYS A 168 3.33 30.68 20.09
CA CYS A 168 2.25 30.15 19.28
C CYS A 168 1.20 29.37 20.04
N TYR A 169 -0.01 29.39 19.52
CA TYR A 169 -1.11 28.60 20.05
C TYR A 169 -1.21 27.53 18.97
N ASN A 170 -1.12 26.27 19.36
CA ASN A 170 -1.16 25.14 18.42
C ASN A 170 -2.43 24.31 18.61
N ASP A 171 -3.00 23.83 17.50
CA ASP A 171 -4.21 23.00 17.57
C ASP A 171 -4.48 22.31 16.24
N TYR A 172 -5.36 21.31 16.26
CA TYR A 172 -5.72 20.58 15.05
C TYR A 172 -7.20 20.81 14.73
N ASN A 173 -7.60 20.41 13.52
CA ASN A 173 -8.97 20.57 13.06
C ASN A 173 -9.44 22.03 13.11
N ILE A 174 -8.50 22.94 12.92
CA ILE A 174 -8.80 24.38 12.90
C ILE A 174 -8.36 24.94 11.55
N GLU A 175 -8.26 24.07 10.55
CA GLU A 175 -7.83 24.47 9.21
C GLU A 175 -9.02 24.87 8.34
N ASN A 176 -10.14 24.19 8.51
CA ASN A 176 -11.34 24.49 7.72
C ASN A 176 -12.05 25.69 8.34
N TRP A 177 -12.10 26.78 7.60
CA TRP A 177 -12.72 28.01 8.09
C TRP A 177 -14.18 27.89 8.54
N THR A 178 -14.92 26.94 7.97
CA THR A 178 -16.33 26.78 8.32
C THR A 178 -16.60 26.02 9.62
N TRP A 179 -15.56 25.46 10.23
CA TRP A 179 -15.74 24.70 11.46
C TRP A 179 -15.82 25.60 12.71
N ALA A 180 -16.68 25.20 13.66
CA ALA A 180 -16.85 25.96 14.88
C ALA A 180 -15.55 26.03 15.70
N LYS A 181 -14.77 24.96 15.66
CA LYS A 181 -13.51 24.93 16.40
C LYS A 181 -12.58 26.03 15.88
N THR A 182 -12.53 26.17 14.55
CA THR A 182 -11.67 27.18 13.93
C THR A 182 -12.12 28.58 14.37
N GLN A 183 -13.42 28.79 14.44
CA GLN A 183 -13.97 30.08 14.84
C GLN A 183 -13.64 30.39 16.30
N GLY A 184 -13.76 29.38 17.15
CA GLY A 184 -13.46 29.57 18.56
C GLY A 184 -12.04 30.08 18.75
N VAL A 185 -11.10 29.46 18.05
CA VAL A 185 -9.69 29.87 18.16
C VAL A 185 -9.51 31.27 17.56
N TYR A 186 -10.14 31.50 16.41
CA TYR A 186 -10.04 32.79 15.75
C TYR A 186 -10.48 33.91 16.69
N ASN A 187 -11.66 33.73 17.30
CA ASN A 187 -12.18 34.74 18.22
C ASN A 187 -11.27 34.96 19.43
N MET A 188 -10.69 33.88 19.95
CA MET A 188 -9.79 33.99 21.09
C MET A 188 -8.55 34.79 20.71
N VAL A 189 -7.92 34.41 19.60
CA VAL A 189 -6.73 35.11 19.14
C VAL A 189 -7.02 36.58 18.86
N ARG A 190 -8.20 36.84 18.29
CA ARG A 190 -8.56 38.22 17.99
C ARG A 190 -8.65 38.99 19.31
N ASP A 191 -9.34 38.41 20.29
CA ASP A 191 -9.49 39.03 21.60
C ASP A 191 -8.12 39.28 22.25
N PHE A 192 -7.27 38.26 22.21
CA PHE A 192 -5.92 38.36 22.76
C PHE A 192 -5.18 39.54 22.17
N LYS A 193 -5.26 39.68 20.85
CA LYS A 193 -4.58 40.77 20.14
C LYS A 193 -5.12 42.14 20.55
N GLN A 194 -6.43 42.24 20.73
CA GLN A 194 -7.06 43.49 21.11
C GLN A 194 -6.76 43.88 22.57
N ARG A 195 -6.72 42.88 23.44
CA ARG A 195 -6.45 43.12 24.86
C ARG A 195 -4.96 43.16 25.19
N GLY A 196 -4.12 42.93 24.19
CA GLY A 196 -2.69 42.97 24.41
C GLY A 196 -2.08 41.67 24.90
N VAL A 197 -2.85 40.59 24.91
CA VAL A 197 -2.33 39.29 25.34
C VAL A 197 -1.22 38.92 24.36
N PRO A 198 0.01 38.76 24.87
CA PRO A 198 1.19 38.41 24.06
C PRO A 198 1.19 37.08 23.31
N ILE A 199 0.59 37.09 22.12
CA ILE A 199 0.56 35.90 21.27
C ILE A 199 1.11 36.36 19.91
N ASP A 200 2.10 35.63 19.41
CA ASP A 200 2.75 36.01 18.15
C ASP A 200 2.42 35.11 16.98
N CYS A 201 1.93 33.91 17.26
CA CYS A 201 1.68 32.97 16.20
C CYS A 201 0.62 31.93 16.48
N VAL A 202 0.04 31.41 15.41
CA VAL A 202 -0.97 30.37 15.51
C VAL A 202 -0.45 29.19 14.68
N GLY A 203 -0.38 28.03 15.31
CA GLY A 203 0.10 26.85 14.62
C GLY A 203 -1.04 25.96 14.20
N PHE A 204 -1.07 25.62 12.91
CA PHE A 204 -2.11 24.75 12.39
C PHE A 204 -1.45 23.38 12.17
N GLN A 205 -1.78 22.41 13.02
CA GLN A 205 -1.17 21.09 12.92
C GLN A 205 -1.28 20.50 11.53
N SER A 206 -2.44 20.65 10.90
CA SER A 206 -2.66 20.15 9.55
C SER A 206 -2.56 18.62 9.39
N HIS A 207 -3.24 17.89 10.26
CA HIS A 207 -3.28 16.44 10.17
C HIS A 207 -4.51 16.14 9.33
N PHE A 208 -4.31 16.03 8.02
CA PHE A 208 -5.41 15.78 7.08
C PHE A 208 -5.63 14.31 6.73
N ASN A 209 -6.90 13.93 6.67
CA ASN A 209 -7.31 12.57 6.30
C ASN A 209 -8.77 12.62 5.83
N SER A 210 -9.30 11.51 5.32
CA SER A 210 -10.68 11.54 4.84
C SER A 210 -11.69 11.83 5.95
N GLY A 211 -11.25 11.78 7.20
CA GLY A 211 -12.15 12.08 8.30
C GLY A 211 -12.21 13.59 8.49
N SER A 212 -11.05 14.23 8.35
CA SER A 212 -10.92 15.68 8.47
C SER A 212 -10.01 16.07 7.31
N PRO A 213 -10.57 16.11 6.08
CA PRO A 213 -9.85 16.45 4.86
C PRO A 213 -9.42 17.89 4.68
N TYR A 214 -8.39 18.06 3.86
CA TYR A 214 -7.88 19.38 3.52
C TYR A 214 -8.96 20.03 2.67
N ASN A 215 -9.15 21.33 2.85
CA ASN A 215 -10.11 22.06 2.04
C ASN A 215 -9.40 23.33 1.57
N SER A 216 -9.65 23.73 0.33
CA SER A 216 -9.00 24.91 -0.22
C SER A 216 -9.20 26.14 0.67
N ASN A 217 -10.23 26.16 1.51
CA ASN A 217 -10.45 27.32 2.36
C ASN A 217 -9.41 27.43 3.47
N PHE A 218 -8.49 26.48 3.53
CA PHE A 218 -7.42 26.53 4.53
C PHE A 218 -6.61 27.81 4.29
N ARG A 219 -6.43 28.17 3.02
CA ARG A 219 -5.69 29.38 2.69
C ARG A 219 -6.41 30.60 3.28
N THR A 220 -7.73 30.57 3.19
CA THR A 220 -8.56 31.67 3.70
C THR A 220 -8.37 31.77 5.22
N THR A 221 -8.36 30.61 5.88
CA THR A 221 -8.16 30.57 7.32
C THR A 221 -6.82 31.21 7.65
N LEU A 222 -5.78 30.78 6.94
CA LEU A 222 -4.45 31.32 7.18
C LEU A 222 -4.42 32.84 6.98
N GLN A 223 -5.08 33.31 5.92
CA GLN A 223 -5.12 34.74 5.62
C GLN A 223 -5.94 35.50 6.67
N ASN A 224 -7.00 34.88 7.18
CA ASN A 224 -7.81 35.54 8.19
C ASN A 224 -7.04 35.72 9.50
N PHE A 225 -6.26 34.71 9.88
CA PHE A 225 -5.47 34.82 11.10
C PHE A 225 -4.32 35.81 10.88
N ALA A 226 -3.72 35.76 9.70
CA ALA A 226 -2.61 36.66 9.38
C ALA A 226 -3.07 38.12 9.51
N ALA A 227 -4.31 38.37 9.08
CA ALA A 227 -4.89 39.71 9.13
C ALA A 227 -5.03 40.24 10.56
N LEU A 228 -5.01 39.33 11.53
CA LEU A 228 -5.12 39.70 12.94
C LEU A 228 -3.80 40.27 13.45
N GLY A 229 -2.73 40.06 12.69
CA GLY A 229 -1.44 40.56 13.11
C GLY A 229 -0.56 39.50 13.74
N VAL A 230 -0.84 38.23 13.48
CA VAL A 230 -0.04 37.14 14.03
C VAL A 230 0.51 36.32 12.88
N ASP A 231 1.68 35.73 13.08
CA ASP A 231 2.26 34.88 12.05
C ASP A 231 1.50 33.57 12.11
N VAL A 232 1.57 32.79 11.04
CA VAL A 232 0.90 31.50 11.02
C VAL A 232 1.94 30.46 10.61
N ALA A 233 1.75 29.24 11.07
CA ALA A 233 2.68 28.17 10.75
C ALA A 233 1.94 26.85 10.62
N ILE A 234 2.37 26.05 9.64
CA ILE A 234 1.81 24.71 9.43
C ILE A 234 2.82 23.88 10.22
N THR A 235 2.36 23.38 11.36
CA THR A 235 3.23 22.69 12.31
C THR A 235 3.41 21.18 12.34
N GLU A 236 2.41 20.41 11.92
CA GLU A 236 2.53 18.95 11.99
C GLU A 236 1.91 18.29 10.78
N LEU A 237 2.13 18.87 9.62
CA LEU A 237 1.56 18.36 8.38
C LEU A 237 1.82 16.91 8.01
N ASP A 238 0.74 16.21 7.72
CA ASP A 238 0.78 14.85 7.20
C ASP A 238 -0.57 14.66 6.53
N ILE A 239 -0.57 13.97 5.42
CA ILE A 239 -1.78 13.77 4.63
C ILE A 239 -2.00 12.31 4.31
N GLN A 240 -3.12 11.76 4.77
CA GLN A 240 -3.48 10.38 4.52
C GLN A 240 -3.45 10.11 3.03
N GLY A 241 -2.55 9.22 2.60
CA GLY A 241 -2.44 8.90 1.20
C GLY A 241 -1.35 9.71 0.52
N ALA A 242 -0.90 10.77 1.17
CA ALA A 242 0.15 11.64 0.65
C ALA A 242 -0.10 12.12 -0.78
N SER A 243 -1.32 12.57 -1.04
CA SER A 243 -1.67 13.07 -2.37
C SER A 243 -0.70 14.15 -2.81
N SER A 244 -0.13 13.99 -4.00
CA SER A 244 0.80 14.99 -4.54
C SER A 244 0.12 16.35 -4.67
N SER A 245 -1.13 16.36 -5.16
CA SER A 245 -1.86 17.60 -5.32
C SER A 245 -2.19 18.28 -3.99
N THR A 246 -2.62 17.50 -3.01
CA THR A 246 -2.95 18.07 -1.70
C THR A 246 -1.68 18.62 -1.04
N TYR A 247 -0.57 17.90 -1.16
CA TYR A 247 0.68 18.37 -0.57
C TYR A 247 1.12 19.67 -1.25
N ALA A 248 0.96 19.75 -2.56
CA ALA A 248 1.33 20.96 -3.29
C ALA A 248 0.36 22.09 -2.96
N ALA A 249 -0.90 21.75 -2.74
CA ALA A 249 -1.91 22.75 -2.40
C ALA A 249 -1.59 23.41 -1.07
N VAL A 250 -1.24 22.61 -0.07
CA VAL A 250 -0.89 23.15 1.24
C VAL A 250 0.35 24.02 1.13
N THR A 251 1.33 23.53 0.36
CA THR A 251 2.57 24.28 0.16
C THR A 251 2.27 25.64 -0.46
N ASN A 252 1.43 25.65 -1.49
CA ASN A 252 1.07 26.90 -2.15
C ASN A 252 0.25 27.82 -1.25
N ASP A 253 -0.50 27.25 -0.32
CA ASP A 253 -1.29 28.07 0.59
C ASP A 253 -0.36 28.89 1.48
N CYS A 254 0.71 28.25 1.95
CA CYS A 254 1.68 28.95 2.79
C CYS A 254 2.40 30.03 1.98
N LEU A 255 2.78 29.69 0.76
CA LEU A 255 3.48 30.64 -0.10
C LEU A 255 2.58 31.83 -0.46
N ALA A 256 1.27 31.63 -0.38
CA ALA A 256 0.31 32.67 -0.70
C ALA A 256 0.06 33.63 0.47
N VAL A 257 0.58 33.29 1.64
CA VAL A 257 0.40 34.11 2.83
C VAL A 257 1.75 34.64 3.33
N SER A 258 1.93 35.95 3.23
CA SER A 258 3.19 36.58 3.63
C SER A 258 3.61 36.24 5.06
N ARG A 259 2.62 36.08 5.94
CA ARG A 259 2.86 35.75 7.34
C ARG A 259 3.10 34.27 7.62
N CYS A 260 2.98 33.42 6.60
CA CYS A 260 3.21 31.99 6.83
C CYS A 260 4.72 31.78 6.90
N LEU A 261 5.19 31.46 8.11
CA LEU A 261 6.61 31.28 8.35
C LEU A 261 7.22 30.08 7.67
N GLY A 262 6.45 29.00 7.56
CA GLY A 262 6.97 27.81 6.92
C GLY A 262 6.10 26.61 7.19
N ILE A 263 6.58 25.44 6.77
CA ILE A 263 5.86 24.20 6.93
C ILE A 263 6.70 23.12 7.57
N THR A 264 6.10 22.38 8.49
CA THR A 264 6.77 21.28 9.15
C THR A 264 5.93 20.04 8.89
N VAL A 265 6.54 18.95 8.46
CA VAL A 265 5.80 17.70 8.26
C VAL A 265 6.09 16.88 9.51
N TRP A 266 5.09 16.16 10.00
CA TRP A 266 5.26 15.40 11.24
C TRP A 266 6.02 14.10 11.10
N GLY A 267 7.30 14.21 10.77
CA GLY A 267 8.12 13.01 10.63
C GLY A 267 8.91 12.97 9.34
N VAL A 268 9.89 12.08 9.27
CA VAL A 268 10.74 11.95 8.09
C VAL A 268 10.21 10.91 7.10
N ARG A 269 10.27 9.64 7.47
CA ARG A 269 9.77 8.56 6.61
C ARG A 269 8.43 8.06 7.12
N ASP A 270 7.62 7.48 6.25
CA ASP A 270 6.32 6.96 6.66
C ASP A 270 6.44 6.02 7.86
N THR A 271 7.53 5.26 7.90
CA THR A 271 7.77 4.33 8.99
C THR A 271 8.03 5.06 10.31
N ASP A 272 8.36 6.34 10.23
CA ASP A 272 8.61 7.15 11.43
C ASP A 272 7.35 7.85 11.89
N SER A 273 6.29 7.73 11.09
CA SER A 273 5.01 8.38 11.37
C SER A 273 4.21 7.77 12.51
N TRP A 274 3.49 8.64 13.22
CA TRP A 274 2.64 8.19 14.31
C TRP A 274 1.43 7.54 13.67
N ARG A 275 1.29 7.70 12.36
CA ARG A 275 0.19 7.12 11.60
C ARG A 275 0.72 6.49 10.31
N SER A 276 1.72 5.63 10.45
CA SER A 276 2.33 4.97 9.30
C SER A 276 1.30 4.28 8.40
N GLY A 277 0.22 3.79 9.00
CA GLY A 277 -0.80 3.12 8.22
C GLY A 277 -1.40 4.03 7.15
N ASP A 278 -1.32 5.34 7.38
CA ASP A 278 -1.85 6.29 6.41
C ASP A 278 -0.78 6.79 5.43
N THR A 279 0.43 6.20 5.50
CA THR A 279 1.56 6.60 4.63
C THR A 279 1.38 8.07 4.25
N PRO A 280 1.34 8.94 5.26
CA PRO A 280 1.16 10.39 5.15
C PRO A 280 2.34 11.33 4.98
N LEU A 281 3.56 10.81 4.88
CA LEU A 281 4.73 11.68 4.75
C LEU A 281 5.34 11.76 3.35
N LEU A 282 6.51 12.38 3.26
CA LEU A 282 7.17 12.58 1.97
C LEU A 282 8.23 11.57 1.54
N PHE A 283 8.66 10.71 2.46
CA PHE A 283 9.65 9.69 2.14
C PHE A 283 9.12 8.32 2.55
N ASN A 284 9.49 7.29 1.79
CA ASN A 284 9.08 5.92 2.10
C ASN A 284 9.98 5.34 3.17
N GLY A 285 9.60 4.18 3.70
CA GLY A 285 10.39 3.53 4.73
C GLY A 285 11.81 3.24 4.27
N ASP A 286 11.98 2.89 3.00
CA ASP A 286 13.31 2.59 2.47
C ASP A 286 14.08 3.87 2.19
N GLY A 287 13.47 5.01 2.52
CA GLY A 287 14.13 6.29 2.33
C GLY A 287 13.95 6.97 0.99
N SER A 288 13.23 6.33 0.07
CA SER A 288 13.03 6.93 -1.24
C SER A 288 12.01 8.08 -1.24
N LYS A 289 12.26 9.06 -2.09
CA LYS A 289 11.37 10.22 -2.22
C LYS A 289 10.06 9.76 -2.85
N LYS A 290 8.94 10.24 -2.30
CA LYS A 290 7.63 9.89 -2.83
C LYS A 290 7.18 10.90 -3.89
N ALA A 291 6.09 10.57 -4.59
CA ALA A 291 5.58 11.47 -5.63
C ALA A 291 5.33 12.84 -5.01
N ALA A 292 4.78 12.86 -3.81
CA ALA A 292 4.48 14.12 -3.13
C ALA A 292 5.71 14.96 -2.83
N TYR A 293 6.86 14.31 -2.60
CA TYR A 293 8.06 15.07 -2.31
C TYR A 293 8.39 16.00 -3.48
N THR A 294 8.37 15.46 -4.69
CA THR A 294 8.67 16.25 -5.86
C THR A 294 7.61 17.32 -6.10
N ALA A 295 6.35 17.02 -5.76
CA ALA A 295 5.26 18.00 -5.93
C ALA A 295 5.52 19.19 -5.00
N VAL A 296 5.95 18.90 -3.78
CA VAL A 296 6.25 19.95 -2.80
C VAL A 296 7.46 20.77 -3.24
N LEU A 297 8.54 20.08 -3.61
CA LEU A 297 9.76 20.75 -4.04
C LEU A 297 9.48 21.67 -5.23
N ASN A 298 8.69 21.18 -6.19
CA ASN A 298 8.37 21.98 -7.37
C ASN A 298 7.53 23.20 -7.00
N ALA A 299 6.62 23.03 -6.05
CA ALA A 299 5.77 24.13 -5.61
C ALA A 299 6.61 25.18 -4.91
N LEU A 300 7.55 24.74 -4.08
CA LEU A 300 8.43 25.67 -3.36
C LEU A 300 9.31 26.46 -4.32
N ASN A 301 9.75 25.82 -5.40
CA ASN A 301 10.61 26.48 -6.37
C ASN A 301 9.84 27.39 -7.33
N GLY A 302 8.54 27.55 -7.12
CA GLY A 302 7.75 28.41 -7.97
C GLY A 302 6.95 27.68 -9.03
N GLY A 303 6.69 26.39 -8.79
CA GLY A 303 5.92 25.60 -9.75
C GLY A 303 6.53 25.56 -11.14
N SER A 304 5.69 25.27 -12.12
CA SER A 304 6.12 25.20 -13.52
C SER A 304 5.66 26.43 -14.29
N SER A 305 6.31 26.69 -15.42
CA SER A 305 5.96 27.83 -16.25
C SER A 305 4.54 27.71 -16.80
N THR A 306 3.95 26.53 -16.61
CA THR A 306 2.58 26.27 -17.08
C THR A 306 1.83 25.35 -16.12
N PRO A 307 0.55 25.64 -15.86
CA PRO A 307 -0.29 24.83 -14.97
C PRO A 307 -0.27 23.35 -15.34
N PRO A 308 0.01 22.48 -14.35
CA PRO A 308 0.06 21.03 -14.56
C PRO A 308 -1.19 20.49 -15.27
N PRO A 309 -0.99 19.59 -16.25
CA PRO A 309 -2.11 18.99 -17.00
C PRO A 309 -3.21 18.45 -16.10
N SER A 310 -4.40 18.27 -16.65
CA SER A 310 -5.54 17.77 -15.90
C SER A 310 -5.92 16.37 -16.38
N GLY A 311 -5.00 15.42 -16.21
CA GLY A 311 -5.26 14.06 -16.63
C GLY A 311 -5.39 13.92 -18.13
N GLY A 312 -5.15 12.72 -18.64
CA GLY A 312 -5.26 12.48 -20.07
C GLY A 312 -4.40 13.41 -20.90
N GLY A 313 -3.19 12.96 -21.23
CA GLY A 313 -2.30 13.78 -22.03
C GLY A 313 -1.11 12.98 -22.53
N GLN A 314 -0.48 13.47 -23.60
CA GLN A 314 0.67 12.80 -24.17
C GLN A 314 1.94 13.16 -23.41
N ILE A 315 2.91 12.26 -23.46
CA ILE A 315 4.20 12.46 -22.83
C ILE A 315 5.20 12.31 -23.97
N LYS A 316 5.76 13.44 -24.41
CA LYS A 316 6.68 13.45 -25.54
C LYS A 316 8.15 13.57 -25.15
N GLY A 317 8.98 12.73 -25.76
CA GLY A 317 10.40 12.76 -25.49
C GLY A 317 11.03 13.95 -26.20
N VAL A 318 11.85 14.70 -25.48
CA VAL A 318 12.49 15.89 -26.04
C VAL A 318 13.47 15.53 -27.15
N GLY A 319 14.33 14.55 -26.88
CA GLY A 319 15.32 14.15 -27.85
C GLY A 319 14.77 13.55 -29.13
N SER A 320 13.69 12.78 -29.01
CA SER A 320 13.10 12.12 -30.16
C SER A 320 11.93 12.87 -30.78
N GLY A 321 11.20 13.61 -29.96
CA GLY A 321 10.05 14.33 -30.47
C GLY A 321 8.90 13.36 -30.64
N ARG A 322 9.06 12.15 -30.11
CA ARG A 322 8.04 11.12 -30.19
C ARG A 322 7.39 10.86 -28.83
N CYS A 323 6.18 10.31 -28.86
CA CYS A 323 5.40 10.05 -27.64
C CYS A 323 5.47 8.66 -27.01
N LEU A 324 5.30 8.63 -25.69
CA LEU A 324 5.30 7.39 -24.93
C LEU A 324 4.08 6.66 -25.48
N ASP A 325 4.30 5.47 -26.00
CA ASP A 325 3.24 4.71 -26.66
C ASP A 325 3.17 3.24 -26.27
N VAL A 326 1.95 2.72 -26.12
CA VAL A 326 1.78 1.31 -25.78
C VAL A 326 1.57 0.61 -27.13
N PRO A 327 2.54 -0.24 -27.54
CA PRO A 327 2.49 -0.96 -28.81
C PRO A 327 1.13 -1.53 -29.21
N ASN A 328 0.64 -1.07 -30.35
CA ASN A 328 -0.65 -1.51 -30.91
C ASN A 328 -1.84 -1.38 -29.97
N ALA A 329 -1.76 -0.44 -29.04
CA ALA A 329 -2.85 -0.21 -28.09
C ALA A 329 -3.19 -1.46 -27.29
N SER A 330 -2.18 -2.27 -27.02
CA SER A 330 -2.36 -3.50 -26.24
C SER A 330 -2.71 -3.16 -24.79
N THR A 331 -3.37 -4.09 -24.10
CA THR A 331 -3.74 -3.88 -22.70
C THR A 331 -3.24 -5.04 -21.87
N THR A 332 -2.42 -5.89 -22.48
CA THR A 332 -1.89 -7.06 -21.79
C THR A 332 -0.73 -6.68 -20.88
N ASP A 333 -0.79 -7.14 -19.64
CA ASP A 333 0.26 -6.86 -18.67
C ASP A 333 1.59 -7.40 -19.20
N GLY A 334 2.65 -6.60 -19.05
CA GLY A 334 3.95 -7.03 -19.51
C GLY A 334 4.36 -6.43 -20.84
N THR A 335 3.47 -5.69 -21.47
CA THR A 335 3.76 -5.06 -22.75
C THR A 335 4.66 -3.86 -22.52
N GLN A 336 5.91 -3.95 -22.96
CA GLN A 336 6.87 -2.86 -22.79
C GLN A 336 6.48 -1.66 -23.65
N VAL A 337 6.63 -0.46 -23.09
CA VAL A 337 6.27 0.76 -23.81
C VAL A 337 7.38 1.19 -24.77
N GLN A 338 7.02 2.06 -25.70
CA GLN A 338 7.97 2.54 -26.71
C GLN A 338 7.71 3.99 -27.10
N LEU A 339 8.54 4.48 -28.00
CA LEU A 339 8.41 5.83 -28.54
C LEU A 339 7.68 5.65 -29.87
N TYR A 340 6.86 6.62 -30.25
CA TYR A 340 6.17 6.55 -31.53
C TYR A 340 5.59 7.89 -31.90
N ASP A 341 5.51 8.15 -33.21
CA ASP A 341 4.96 9.42 -33.70
C ASP A 341 3.69 9.73 -32.93
N CYS A 342 3.63 10.93 -32.38
CA CYS A 342 2.49 11.36 -31.59
C CYS A 342 1.20 11.47 -32.41
N HIS A 343 0.11 11.02 -31.82
CA HIS A 343 -1.21 11.08 -32.46
C HIS A 343 -2.30 10.87 -31.42
N SER A 344 -3.51 11.33 -31.74
CA SER A 344 -4.64 11.19 -30.84
C SER A 344 -5.12 9.75 -30.74
N ALA A 345 -4.75 9.09 -29.64
CA ALA A 345 -5.13 7.71 -29.40
C ALA A 345 -4.96 7.42 -27.91
N THR A 346 -5.82 6.57 -27.36
CA THR A 346 -5.76 6.25 -25.94
C THR A 346 -4.47 5.59 -25.51
N ASN A 347 -3.77 4.93 -26.43
CA ASN A 347 -2.52 4.27 -26.07
C ASN A 347 -1.37 5.26 -25.94
N GLN A 348 -1.68 6.54 -26.02
CA GLN A 348 -0.68 7.59 -25.86
C GLN A 348 -1.17 8.64 -24.86
N GLN A 349 -2.31 8.39 -24.25
CA GLN A 349 -2.89 9.30 -23.27
C GLN A 349 -2.63 8.83 -21.84
N TRP A 350 -1.69 9.50 -21.17
CA TRP A 350 -1.34 9.15 -19.80
C TRP A 350 -1.86 10.13 -18.77
N THR A 351 -2.35 9.61 -17.65
CA THR A 351 -2.87 10.43 -16.58
C THR A 351 -2.00 10.28 -15.33
N TYR A 352 -1.49 11.39 -14.82
CA TYR A 352 -0.66 11.35 -13.62
C TYR A 352 -1.59 11.51 -12.42
N THR A 353 -1.71 10.45 -11.63
CA THR A 353 -2.59 10.47 -10.46
C THR A 353 -1.92 11.10 -9.25
N ASP A 354 -2.72 11.44 -8.24
CA ASP A 354 -2.18 12.04 -7.04
C ASP A 354 -1.29 11.07 -6.27
N ALA A 355 -1.44 9.78 -6.56
CA ALA A 355 -0.63 8.77 -5.90
C ALA A 355 0.71 8.61 -6.62
N GLY A 356 0.86 9.30 -7.75
CA GLY A 356 2.09 9.23 -8.50
C GLY A 356 2.13 8.22 -9.63
N GLU A 357 0.96 7.71 -10.02
CA GLU A 357 0.91 6.72 -11.10
C GLU A 357 0.76 7.42 -12.45
N LEU A 358 1.13 6.70 -13.50
CA LEU A 358 0.96 7.18 -14.85
C LEU A 358 0.03 6.14 -15.47
N ARG A 359 -1.26 6.46 -15.46
CA ARG A 359 -2.29 5.55 -15.95
C ARG A 359 -2.66 5.71 -17.41
N VAL A 360 -3.00 4.58 -18.04
CA VAL A 360 -3.42 4.54 -19.43
C VAL A 360 -4.59 3.55 -19.47
N TYR A 361 -5.58 3.84 -20.31
CA TYR A 361 -6.76 2.99 -20.46
C TYR A 361 -7.64 3.05 -19.20
N GLY A 362 -7.22 3.84 -18.22
CA GLY A 362 -7.98 3.97 -17.01
C GLY A 362 -7.51 3.11 -15.84
N ASP A 363 -7.10 1.87 -16.10
CA ASP A 363 -6.65 1.01 -15.02
C ASP A 363 -5.36 0.24 -15.28
N LYS A 364 -4.57 0.73 -16.22
CA LYS A 364 -3.28 0.14 -16.54
C LYS A 364 -2.24 1.15 -16.07
N CYS A 365 -1.13 0.67 -15.52
CA CYS A 365 -0.10 1.57 -14.98
C CYS A 365 1.29 1.41 -15.57
N LEU A 366 2.00 2.53 -15.74
CA LEU A 366 3.37 2.49 -16.24
C LEU A 366 4.04 1.73 -15.11
N ASP A 367 4.70 0.63 -15.46
CA ASP A 367 5.30 -0.27 -14.48
C ASP A 367 6.75 -0.65 -14.76
N ALA A 368 7.57 -0.63 -13.71
CA ALA A 368 8.98 -1.00 -13.83
C ALA A 368 9.14 -2.43 -13.33
N ALA A 369 9.64 -3.30 -14.21
CA ALA A 369 9.84 -4.70 -13.85
C ALA A 369 11.20 -4.94 -13.19
N GLY A 370 11.48 -4.17 -12.14
CA GLY A 370 12.76 -4.31 -11.45
C GLY A 370 13.27 -2.96 -10.97
N THR A 371 14.49 -2.91 -10.46
CA THR A 371 15.06 -1.65 -9.96
C THR A 371 16.42 -1.24 -10.51
N GLY A 372 17.06 -2.10 -11.30
CA GLY A 372 18.37 -1.77 -11.83
C GLY A 372 18.39 -1.17 -13.23
N ASN A 373 19.58 -0.78 -13.69
CA ASN A 373 19.72 -0.21 -15.03
C ASN A 373 19.26 -1.25 -16.05
N GLY A 374 18.56 -0.79 -17.08
CA GLY A 374 18.10 -1.71 -18.11
C GLY A 374 16.76 -2.37 -17.81
N THR A 375 16.20 -2.08 -16.64
CA THR A 375 14.91 -2.65 -16.29
C THR A 375 13.85 -2.22 -17.29
N LYS A 376 13.07 -3.18 -17.76
CA LYS A 376 12.00 -2.90 -18.72
C LYS A 376 10.88 -2.08 -18.11
N VAL A 377 10.37 -1.10 -18.87
CA VAL A 377 9.25 -0.29 -18.42
C VAL A 377 8.08 -0.72 -19.29
N GLN A 378 7.00 -1.14 -18.64
CA GLN A 378 5.83 -1.67 -19.35
C GLN A 378 4.54 -1.21 -18.68
N ILE A 379 3.43 -1.81 -19.07
CA ILE A 379 2.15 -1.52 -18.45
C ILE A 379 1.78 -2.77 -17.67
N TYR A 380 1.09 -2.58 -16.55
CA TYR A 380 0.69 -3.69 -15.70
C TYR A 380 -0.49 -3.18 -14.88
N SER A 381 -1.41 -4.07 -14.53
CA SER A 381 -2.58 -3.67 -13.75
C SER A 381 -2.13 -2.81 -12.58
N CYS A 382 -2.80 -1.69 -12.37
CA CYS A 382 -2.46 -0.80 -11.27
C CYS A 382 -2.76 -1.45 -9.92
N TRP A 383 -1.83 -1.35 -8.99
CA TRP A 383 -2.05 -1.91 -7.66
C TRP A 383 -1.43 -1.07 -6.55
N GLY A 384 -0.73 0.00 -6.93
CA GLY A 384 -0.13 0.88 -5.94
C GLY A 384 1.31 0.63 -5.54
N GLY A 385 1.98 -0.30 -6.21
CA GLY A 385 3.37 -0.57 -5.87
C GLY A 385 4.27 0.62 -6.16
N ASP A 386 5.38 0.73 -5.44
CA ASP A 386 6.28 1.85 -5.66
C ASP A 386 6.96 1.77 -7.03
N ASN A 387 6.90 0.61 -7.66
CA ASN A 387 7.48 0.42 -8.98
C ASN A 387 6.47 0.91 -10.04
N GLN A 388 5.35 1.45 -9.56
CA GLN A 388 4.31 1.99 -10.44
C GLN A 388 4.11 3.46 -10.08
N LYS A 389 4.99 4.00 -9.25
CA LYS A 389 4.89 5.39 -8.85
C LYS A 389 6.06 6.17 -9.43
N TRP A 390 5.76 7.39 -9.89
CA TRP A 390 6.76 8.21 -10.54
C TRP A 390 6.78 9.66 -10.05
N ARG A 391 7.95 10.29 -10.20
CA ARG A 391 8.14 11.66 -9.80
C ARG A 391 8.43 12.49 -11.05
N LEU A 392 7.68 13.58 -11.21
CA LEU A 392 7.84 14.45 -12.37
C LEU A 392 8.80 15.60 -12.03
N ASN A 393 10.09 15.37 -12.21
CA ASN A 393 11.08 16.39 -11.90
C ASN A 393 10.95 17.64 -12.75
N SER A 394 11.37 18.77 -12.20
CA SER A 394 11.30 20.05 -12.88
C SER A 394 12.16 20.11 -14.15
N ASP A 395 13.20 19.28 -14.22
CA ASP A 395 14.07 19.29 -15.39
C ASP A 395 13.53 18.43 -16.53
N GLY A 396 12.31 17.94 -16.38
CA GLY A 396 11.72 17.12 -17.43
C GLY A 396 11.91 15.63 -17.32
N SER A 397 12.71 15.18 -16.35
CA SER A 397 12.93 13.75 -16.18
C SER A 397 11.79 13.16 -15.36
N ILE A 398 11.56 11.86 -15.53
CA ILE A 398 10.53 11.16 -14.79
C ILE A 398 11.25 10.03 -14.06
N VAL A 399 11.28 10.11 -12.74
CA VAL A 399 11.97 9.16 -11.89
C VAL A 399 11.06 8.16 -11.17
N GLY A 400 11.43 6.89 -11.22
CA GLY A 400 10.64 5.88 -10.53
C GLY A 400 10.89 5.98 -9.04
N VAL A 401 9.81 5.99 -8.26
CA VAL A 401 9.91 6.10 -6.80
C VAL A 401 10.76 4.98 -6.19
N GLN A 402 10.40 3.74 -6.49
CA GLN A 402 11.12 2.60 -5.94
C GLN A 402 12.59 2.48 -6.38
N SER A 403 12.85 2.67 -7.67
CA SER A 403 14.20 2.52 -8.20
C SER A 403 15.09 3.76 -8.11
N GLY A 404 14.48 4.94 -8.18
CA GLY A 404 15.27 6.15 -8.15
C GLY A 404 15.95 6.33 -9.50
N LEU A 405 15.49 5.55 -10.49
CA LEU A 405 16.04 5.62 -11.85
C LEU A 405 15.08 6.35 -12.80
N CYS A 406 15.64 6.89 -13.87
CA CYS A 406 14.88 7.66 -14.86
C CYS A 406 14.30 6.90 -16.05
N LEU A 407 13.14 7.33 -16.54
CA LEU A 407 12.54 6.72 -17.73
C LEU A 407 13.59 7.03 -18.78
N ASP A 408 13.91 6.05 -19.61
CA ASP A 408 14.99 6.20 -20.58
C ASP A 408 14.71 5.51 -21.91
N ALA A 409 14.90 6.22 -23.01
CA ALA A 409 14.69 5.64 -24.34
C ALA A 409 15.96 4.83 -24.64
N VAL A 410 15.82 3.52 -24.69
CA VAL A 410 16.93 2.60 -24.93
C VAL A 410 17.96 3.02 -25.98
N GLY A 411 19.23 3.02 -25.56
CA GLY A 411 20.32 3.37 -26.45
C GLY A 411 20.26 4.77 -27.03
N GLY A 412 19.44 5.62 -26.43
CA GLY A 412 19.31 6.98 -26.93
C GLY A 412 18.54 6.99 -28.24
N GLY A 413 17.89 5.88 -28.54
CA GLY A 413 17.13 5.79 -29.77
C GLY A 413 16.05 6.86 -29.84
N THR A 414 15.69 7.27 -31.06
CA THR A 414 14.67 8.29 -31.23
C THR A 414 13.63 7.88 -32.27
N ALA A 415 13.89 6.76 -32.94
CA ALA A 415 12.98 6.27 -33.98
C ALA A 415 11.78 5.52 -33.42
N ASN A 416 10.73 5.40 -34.24
CA ASN A 416 9.53 4.68 -33.85
C ASN A 416 9.97 3.28 -33.41
N GLY A 417 9.34 2.76 -32.36
CA GLY A 417 9.70 1.44 -31.90
C GLY A 417 10.80 1.40 -30.85
N THR A 418 11.37 2.56 -30.52
CA THR A 418 12.42 2.60 -29.51
C THR A 418 11.74 2.23 -28.19
N LEU A 419 12.29 1.24 -27.49
CA LEU A 419 11.71 0.79 -26.22
C LEU A 419 12.14 1.66 -25.04
N ILE A 420 11.35 1.60 -23.97
CA ILE A 420 11.62 2.39 -22.77
C ILE A 420 12.10 1.50 -21.62
N GLN A 421 13.10 1.99 -20.91
CA GLN A 421 13.70 1.27 -19.79
C GLN A 421 14.01 2.24 -18.66
N LEU A 422 14.56 1.71 -17.57
CA LEU A 422 14.98 2.53 -16.45
C LEU A 422 16.50 2.63 -16.58
N TYR A 423 17.06 3.76 -16.15
CA TYR A 423 18.51 3.94 -16.20
C TYR A 423 18.92 5.14 -15.36
N SER A 424 20.12 5.08 -14.80
CA SER A 424 20.63 6.17 -13.98
C SER A 424 20.32 7.49 -14.66
N CYS A 425 19.78 8.44 -13.91
CA CYS A 425 19.44 9.74 -14.46
C CYS A 425 20.71 10.45 -14.92
N SER A 426 20.66 11.01 -16.13
CA SER A 426 21.83 11.65 -16.72
C SER A 426 21.59 13.04 -17.31
N ASN A 427 20.34 13.49 -17.30
CA ASN A 427 19.99 14.78 -17.88
C ASN A 427 20.01 14.70 -19.40
N GLY A 428 20.11 13.48 -19.93
CA GLY A 428 20.13 13.30 -21.37
C GLY A 428 18.80 13.61 -22.01
N SER A 429 18.81 13.95 -23.30
CA SER A 429 17.58 14.28 -24.00
C SER A 429 16.66 13.07 -24.13
N ASN A 430 17.23 11.88 -23.97
CA ASN A 430 16.46 10.64 -24.06
C ASN A 430 15.85 10.27 -22.71
N GLN A 431 15.95 11.20 -21.76
CA GLN A 431 15.40 11.02 -20.42
C GLN A 431 14.58 12.25 -20.05
N ARG A 432 14.38 13.14 -21.02
CA ARG A 432 13.63 14.37 -20.81
C ARG A 432 12.29 14.27 -21.53
N TRP A 433 11.23 14.70 -20.86
CA TRP A 433 9.90 14.62 -21.44
C TRP A 433 9.08 15.88 -21.21
N THR A 434 8.16 16.16 -22.12
CA THR A 434 7.28 17.31 -22.03
C THR A 434 5.83 16.83 -22.12
N ARG A 435 5.00 17.30 -21.21
CA ARG A 435 3.59 16.92 -21.21
C ARG A 435 2.75 18.05 -21.77
N THR A 436 3.42 19.01 -22.41
CA THR A 436 2.74 20.15 -23.02
C THR A 436 3.06 20.20 -24.51
N ALA B 1 -25.23 -20.39 -5.61
CA ALA B 1 -23.77 -20.13 -5.63
C ALA B 1 -23.15 -20.40 -4.26
N GLU B 2 -22.06 -21.15 -4.25
CA GLU B 2 -21.38 -21.47 -3.00
C GLU B 2 -20.75 -20.21 -2.40
N SER B 3 -20.60 -20.21 -1.08
CA SER B 3 -20.07 -19.06 -0.35
C SER B 3 -18.58 -19.10 0.04
N THR B 4 -17.92 -20.23 -0.18
CA THR B 4 -16.50 -20.34 0.15
C THR B 4 -15.75 -20.85 -1.08
N LEU B 5 -14.45 -20.57 -1.13
CA LEU B 5 -13.64 -20.99 -2.28
C LEU B 5 -13.63 -22.50 -2.51
N GLY B 6 -13.44 -23.27 -1.43
CA GLY B 6 -13.40 -24.71 -1.57
C GLY B 6 -14.71 -25.29 -2.09
N ALA B 7 -15.81 -24.87 -1.48
CA ALA B 7 -17.14 -25.34 -1.87
C ALA B 7 -17.47 -24.96 -3.30
N ALA B 8 -17.08 -23.76 -3.71
CA ALA B 8 -17.35 -23.29 -5.08
C ALA B 8 -16.54 -24.10 -6.10
N ALA B 9 -15.28 -24.37 -5.78
CA ALA B 9 -14.43 -25.16 -6.67
C ALA B 9 -14.97 -26.57 -6.80
N ALA B 10 -15.47 -27.11 -5.70
CA ALA B 10 -16.00 -28.48 -5.70
C ALA B 10 -17.21 -28.60 -6.61
N GLN B 11 -17.85 -27.47 -6.93
CA GLN B 11 -19.00 -27.49 -7.82
C GLN B 11 -18.58 -27.85 -9.24
N SER B 12 -17.28 -27.85 -9.50
CA SER B 12 -16.78 -28.24 -10.82
C SER B 12 -15.86 -29.43 -10.66
N GLY B 13 -15.93 -30.08 -9.50
CA GLY B 13 -15.12 -31.24 -9.23
C GLY B 13 -13.67 -30.93 -8.93
N ARG B 14 -13.42 -29.68 -8.55
CA ARG B 14 -12.06 -29.23 -8.26
C ARG B 14 -11.90 -28.83 -6.79
N TYR B 15 -10.67 -28.48 -6.41
CA TYR B 15 -10.39 -28.05 -5.05
C TYR B 15 -9.80 -26.65 -5.09
N PHE B 16 -9.81 -25.99 -3.93
CA PHE B 16 -9.16 -24.69 -3.83
C PHE B 16 -8.40 -24.78 -2.52
N GLY B 17 -7.08 -24.72 -2.60
CA GLY B 17 -6.28 -24.85 -1.39
C GLY B 17 -5.36 -23.70 -1.05
N THR B 18 -4.61 -23.88 0.02
CA THR B 18 -3.66 -22.87 0.46
C THR B 18 -2.44 -23.55 1.04
N ALA B 19 -1.42 -22.75 1.34
CA ALA B 19 -0.19 -23.25 1.95
C ALA B 19 -0.34 -22.91 3.43
N ILE B 20 -0.19 -23.92 4.28
CA ILE B 20 -0.33 -23.72 5.72
C ILE B 20 1.00 -23.70 6.44
N ALA B 21 1.17 -22.74 7.34
CA ALA B 21 2.39 -22.61 8.15
C ALA B 21 2.00 -23.10 9.53
N SER B 22 2.65 -24.16 9.99
CA SER B 22 2.36 -24.74 11.30
C SER B 22 2.47 -23.73 12.45
N GLY B 23 3.40 -22.80 12.33
CA GLY B 23 3.61 -21.81 13.38
C GLY B 23 2.48 -20.79 13.51
N LYS B 24 1.58 -20.76 12.53
CA LYS B 24 0.47 -19.81 12.57
C LYS B 24 -0.84 -20.48 12.99
N LEU B 25 -0.81 -21.81 13.16
CA LEU B 25 -2.03 -22.54 13.53
C LEU B 25 -2.58 -22.20 14.91
N GLY B 26 -1.79 -21.48 15.71
CA GLY B 26 -2.26 -21.10 17.03
C GLY B 26 -2.94 -19.75 16.99
N ASP B 27 -2.99 -19.16 15.78
CA ASP B 27 -3.59 -17.86 15.51
C ASP B 27 -5.03 -18.07 15.04
N SER B 28 -6.01 -17.80 15.90
CA SER B 28 -7.42 -18.01 15.56
C SER B 28 -7.88 -17.30 14.30
N ALA B 29 -7.40 -16.09 14.07
CA ALA B 29 -7.79 -15.35 12.88
C ALA B 29 -7.33 -16.11 11.64
N TYR B 30 -6.12 -16.66 11.72
CA TYR B 30 -5.53 -17.42 10.62
C TYR B 30 -6.31 -18.70 10.34
N THR B 31 -6.54 -19.50 11.38
CA THR B 31 -7.23 -20.77 11.21
C THR B 31 -8.71 -20.63 10.83
N THR B 32 -9.37 -19.59 11.33
CA THR B 32 -10.77 -19.38 11.01
C THR B 32 -10.94 -19.27 9.49
N ILE B 33 -10.10 -18.44 8.87
CA ILE B 33 -10.15 -18.24 7.43
C ILE B 33 -9.75 -19.51 6.68
N ALA B 34 -8.61 -20.06 7.06
CA ALA B 34 -8.06 -21.25 6.42
C ALA B 34 -8.97 -22.48 6.47
N SER B 35 -9.61 -22.71 7.60
CA SER B 35 -10.49 -23.87 7.73
C SER B 35 -11.76 -23.69 6.91
N ARG B 36 -12.25 -22.46 6.87
CA ARG B 36 -13.48 -22.14 6.15
C ARG B 36 -13.39 -22.12 4.62
N GLU B 37 -12.36 -21.49 4.10
CA GLU B 37 -12.19 -21.30 2.66
C GLU B 37 -11.49 -22.36 1.81
N PHE B 38 -10.69 -23.23 2.41
CA PHE B 38 -9.95 -24.20 1.61
C PHE B 38 -10.25 -25.67 1.90
N ASN B 39 -10.16 -26.50 0.86
CA ASN B 39 -10.39 -27.94 1.04
C ASN B 39 -9.16 -28.76 0.61
N MET B 40 -8.03 -28.07 0.46
CA MET B 40 -6.76 -28.70 0.09
C MET B 40 -5.67 -27.93 0.84
N VAL B 41 -4.68 -28.65 1.34
CA VAL B 41 -3.59 -28.03 2.09
C VAL B 41 -2.21 -28.50 1.66
N THR B 42 -1.27 -27.55 1.58
CA THR B 42 0.12 -27.86 1.25
C THR B 42 0.89 -27.30 2.44
N ALA B 43 1.85 -28.06 2.97
CA ALA B 43 2.67 -27.54 4.09
C ALA B 43 3.64 -26.56 3.43
N GLU B 44 3.70 -25.34 3.94
CA GLU B 44 4.58 -24.34 3.34
C GLU B 44 6.06 -24.70 3.45
N ASN B 45 6.45 -25.36 4.53
CA ASN B 45 7.85 -25.73 4.74
C ASN B 45 8.08 -27.04 5.47
N GLU B 46 7.08 -27.47 6.23
CA GLU B 46 7.17 -28.66 7.05
C GLU B 46 7.42 -30.02 6.43
N MET B 47 7.18 -30.17 5.14
CA MET B 47 7.42 -31.45 4.49
C MET B 47 8.59 -31.42 3.52
N LYS B 48 9.37 -30.35 3.59
CA LYS B 48 10.52 -30.22 2.72
C LYS B 48 11.63 -31.14 3.24
N ILE B 49 12.70 -31.27 2.47
CA ILE B 49 13.79 -32.17 2.81
C ILE B 49 14.48 -31.88 4.15
N ASP B 50 14.86 -30.64 4.39
CA ASP B 50 15.54 -30.33 5.64
C ASP B 50 14.65 -30.55 6.85
N ALA B 51 13.36 -30.29 6.68
CA ALA B 51 12.40 -30.46 7.77
C ALA B 51 12.09 -31.94 8.08
N THR B 52 12.08 -32.79 7.06
CA THR B 52 11.75 -34.21 7.25
C THR B 52 12.91 -35.17 7.48
N GLU B 53 14.14 -34.76 7.13
CA GLU B 53 15.30 -35.62 7.36
C GLU B 53 16.48 -34.74 7.76
N PRO B 54 16.45 -34.23 9.01
CA PRO B 54 17.47 -33.35 9.61
C PRO B 54 18.87 -33.93 9.58
N GLN B 55 18.97 -35.25 9.76
CA GLN B 55 20.24 -35.96 9.72
C GLN B 55 20.03 -37.13 8.78
N ARG B 56 21.08 -37.56 8.08
CA ARG B 56 20.93 -38.65 7.15
C ARG B 56 20.41 -39.92 7.82
N GLY B 57 19.28 -40.42 7.32
CA GLY B 57 18.71 -41.63 7.89
C GLY B 57 17.80 -41.39 9.07
N GLN B 58 17.79 -40.16 9.59
CA GLN B 58 16.95 -39.82 10.73
C GLN B 58 15.79 -38.94 10.27
N PHE B 59 14.62 -39.55 10.11
CA PHE B 59 13.44 -38.81 9.65
C PHE B 59 12.69 -38.16 10.81
N ASN B 60 12.13 -36.99 10.53
CA ASN B 60 11.39 -36.24 11.55
C ASN B 60 10.10 -35.70 10.95
N PHE B 61 8.97 -36.15 11.47
CA PHE B 61 7.68 -35.72 10.93
C PHE B 61 6.85 -34.88 11.90
N SER B 62 7.47 -34.42 12.98
CA SER B 62 6.77 -33.61 13.96
C SER B 62 6.12 -32.39 13.32
N ALA B 63 6.89 -31.61 12.57
CA ALA B 63 6.37 -30.41 11.93
C ALA B 63 5.34 -30.74 10.85
N GLY B 64 5.68 -31.71 9.99
CA GLY B 64 4.77 -32.11 8.92
C GLY B 64 3.44 -32.67 9.40
N ASP B 65 3.45 -33.46 10.46
CA ASP B 65 2.22 -34.04 10.97
C ASP B 65 1.30 -32.99 11.60
N ARG B 66 1.88 -31.94 12.17
CA ARG B 66 1.06 -30.89 12.76
C ARG B 66 0.21 -30.27 11.64
N VAL B 67 0.81 -30.09 10.46
CA VAL B 67 0.07 -29.54 9.34
C VAL B 67 -0.92 -30.57 8.83
N TYR B 68 -0.44 -31.79 8.61
CA TYR B 68 -1.30 -32.86 8.13
C TYR B 68 -2.51 -33.09 9.03
N ASN B 69 -2.28 -33.21 10.34
CA ASN B 69 -3.37 -33.43 11.30
C ASN B 69 -4.42 -32.34 11.24
N TRP B 70 -3.98 -31.10 11.11
CA TRP B 70 -4.88 -29.96 11.03
C TRP B 70 -5.74 -30.07 9.77
N ALA B 71 -5.11 -30.42 8.66
CA ALA B 71 -5.81 -30.54 7.38
C ALA B 71 -6.92 -31.59 7.45
N VAL B 72 -6.57 -32.81 7.84
CA VAL B 72 -7.55 -33.89 7.92
C VAL B 72 -8.62 -33.62 8.97
N GLN B 73 -8.24 -33.01 10.08
CA GLN B 73 -9.20 -32.70 11.13
C GLN B 73 -10.23 -31.70 10.61
N ASN B 74 -9.85 -30.93 9.59
CA ASN B 74 -10.76 -29.94 9.02
C ASN B 74 -11.26 -30.28 7.62
N GLY B 75 -11.25 -31.57 7.30
CA GLY B 75 -11.76 -32.04 6.01
C GLY B 75 -11.01 -31.67 4.74
N LYS B 76 -9.72 -31.40 4.84
CA LYS B 76 -8.95 -31.05 3.65
C LYS B 76 -8.02 -32.17 3.23
N GLN B 77 -7.80 -32.27 1.92
CA GLN B 77 -6.87 -33.25 1.40
C GLN B 77 -5.51 -32.57 1.49
N VAL B 78 -4.44 -33.29 1.20
CA VAL B 78 -3.10 -32.72 1.30
C VAL B 78 -2.19 -32.95 0.10
N ARG B 79 -1.43 -31.91 -0.27
CA ARG B 79 -0.44 -32.04 -1.34
C ARG B 79 0.90 -32.10 -0.58
N GLY B 80 1.68 -33.15 -0.84
CA GLY B 80 2.98 -33.26 -0.20
C GLY B 80 3.99 -32.42 -0.97
N HIS B 81 4.75 -31.60 -0.26
CA HIS B 81 5.72 -30.71 -0.90
C HIS B 81 6.98 -30.61 -0.03
N THR B 82 8.16 -31.00 -0.52
CA THR B 82 8.42 -31.57 -1.84
C THR B 82 9.58 -32.55 -1.57
N LEU B 83 9.68 -33.61 -2.36
CA LEU B 83 10.67 -34.68 -2.12
C LEU B 83 12.12 -34.57 -2.61
N ALA B 84 12.32 -33.97 -3.79
CA ALA B 84 13.66 -33.83 -4.35
C ALA B 84 13.75 -32.41 -4.91
N TRP B 85 14.71 -31.65 -4.41
CA TRP B 85 14.83 -30.24 -4.79
C TRP B 85 16.23 -29.73 -4.46
N HIS B 86 16.72 -28.78 -5.25
CA HIS B 86 18.05 -28.24 -5.01
C HIS B 86 18.06 -27.28 -3.82
N SER B 87 16.90 -26.74 -3.48
CA SER B 87 16.80 -25.77 -2.39
C SER B 87 16.32 -26.35 -1.05
N GLN B 88 16.67 -25.65 0.02
CA GLN B 88 16.31 -26.04 1.38
C GLN B 88 16.71 -27.48 1.72
N GLN B 89 17.87 -27.88 1.22
CA GLN B 89 18.40 -29.21 1.51
C GLN B 89 19.12 -29.08 2.84
N PRO B 90 19.05 -30.12 3.69
CA PRO B 90 19.75 -30.00 4.96
C PRO B 90 21.25 -29.99 4.66
N GLY B 91 22.05 -29.47 5.59
CA GLY B 91 23.49 -29.40 5.38
C GLY B 91 24.15 -30.70 4.94
N TRP B 92 23.75 -31.82 5.56
CA TRP B 92 24.35 -33.11 5.23
C TRP B 92 24.11 -33.52 3.78
N MET B 93 22.99 -33.07 3.20
CA MET B 93 22.70 -33.42 1.82
C MET B 93 23.43 -32.47 0.87
N GLN B 94 23.58 -31.22 1.27
CA GLN B 94 24.28 -30.24 0.45
C GLN B 94 25.73 -30.68 0.23
N SER B 95 26.26 -31.42 1.20
CA SER B 95 27.63 -31.92 1.14
C SER B 95 27.78 -33.13 0.23
N LEU B 96 26.64 -33.66 -0.24
CA LEU B 96 26.66 -34.87 -1.09
C LEU B 96 26.71 -34.63 -2.60
N SER B 97 27.27 -35.59 -3.32
CA SER B 97 27.37 -35.54 -4.77
C SER B 97 27.47 -36.97 -5.30
N GLY B 98 27.40 -37.11 -6.62
CA GLY B 98 27.50 -38.42 -7.25
C GLY B 98 26.56 -39.50 -6.74
N SER B 99 27.02 -40.74 -6.80
CA SER B 99 26.22 -41.88 -6.37
C SER B 99 25.71 -41.79 -4.94
N THR B 100 26.50 -41.22 -4.04
CA THR B 100 26.08 -41.10 -2.65
C THR B 100 24.85 -40.20 -2.55
N LEU B 101 24.85 -39.10 -3.31
CA LEU B 101 23.71 -38.18 -3.29
C LEU B 101 22.51 -38.90 -3.92
N ARG B 102 22.74 -39.61 -5.02
CA ARG B 102 21.67 -40.32 -5.70
C ARG B 102 20.92 -41.26 -4.76
N GLN B 103 21.66 -42.04 -3.99
CA GLN B 103 21.02 -42.98 -3.07
C GLN B 103 20.33 -42.25 -1.92
N ALA B 104 20.91 -41.13 -1.49
CA ALA B 104 20.32 -40.34 -0.41
C ALA B 104 18.96 -39.79 -0.89
N MET B 105 18.91 -39.37 -2.14
CA MET B 105 17.66 -38.84 -2.71
C MET B 105 16.61 -39.94 -2.70
N ILE B 106 17.01 -41.14 -3.10
CA ILE B 106 16.11 -42.29 -3.13
C ILE B 106 15.65 -42.63 -1.71
N ASP B 107 16.58 -42.69 -0.77
CA ASP B 107 16.24 -43.01 0.62
C ASP B 107 15.28 -41.98 1.20
N HIS B 108 15.48 -40.71 0.85
CA HIS B 108 14.62 -39.66 1.36
C HIS B 108 13.19 -39.83 0.85
N ILE B 109 13.07 -40.10 -0.45
CA ILE B 109 11.76 -40.30 -1.04
C ILE B 109 11.06 -41.46 -0.35
N ASN B 110 11.77 -42.57 -0.18
CA ASN B 110 11.16 -43.74 0.48
C ASN B 110 10.74 -43.47 1.91
N GLY B 111 11.60 -42.79 2.67
CA GLY B 111 11.27 -42.50 4.06
C GLY B 111 10.07 -41.61 4.26
N VAL B 112 10.01 -40.51 3.52
CA VAL B 112 8.90 -39.57 3.66
C VAL B 112 7.59 -40.13 3.09
N MET B 113 7.62 -40.68 1.88
CA MET B 113 6.40 -41.23 1.31
C MET B 113 5.91 -42.42 2.12
N GLY B 114 6.84 -43.18 2.69
CA GLY B 114 6.45 -44.33 3.49
C GLY B 114 5.68 -43.91 4.73
N HIS B 115 6.09 -42.80 5.34
CA HIS B 115 5.42 -42.29 6.53
C HIS B 115 4.01 -41.84 6.20
N TYR B 116 3.85 -41.21 5.04
CA TYR B 116 2.53 -40.71 4.62
C TYR B 116 1.81 -41.58 3.61
N LYS B 117 2.27 -42.82 3.46
CA LYS B 117 1.67 -43.72 2.49
C LYS B 117 0.14 -43.81 2.53
N GLY B 118 -0.49 -43.48 1.42
CA GLY B 118 -1.93 -43.55 1.32
C GLY B 118 -2.69 -42.37 1.91
N LYS B 119 -1.97 -41.35 2.37
CA LYS B 119 -2.62 -40.18 2.97
C LYS B 119 -2.45 -38.90 2.16
N ILE B 120 -1.69 -38.97 1.07
CA ILE B 120 -1.41 -37.80 0.24
C ILE B 120 -2.02 -37.88 -1.16
N ALA B 121 -2.82 -36.86 -1.52
CA ALA B 121 -3.46 -36.83 -2.84
C ALA B 121 -2.44 -36.64 -3.96
N GLN B 122 -1.54 -35.68 -3.77
CA GLN B 122 -0.50 -35.37 -4.75
C GLN B 122 0.82 -35.11 -4.05
N TRP B 123 1.92 -35.50 -4.69
CA TRP B 123 3.26 -35.26 -4.17
C TRP B 123 4.05 -34.50 -5.23
N ASP B 124 4.69 -33.40 -4.82
CA ASP B 124 5.56 -32.69 -5.75
C ASP B 124 6.84 -33.51 -5.56
N VAL B 125 7.01 -34.53 -6.40
CA VAL B 125 8.19 -35.40 -6.28
C VAL B 125 9.47 -34.65 -6.57
N VAL B 126 9.48 -33.89 -7.66
CA VAL B 126 10.65 -33.10 -8.03
C VAL B 126 10.21 -31.66 -8.18
N ASN B 127 11.00 -30.74 -7.64
CA ASN B 127 10.68 -29.33 -7.70
C ASN B 127 11.79 -28.52 -8.35
N GLU B 128 11.42 -27.62 -9.25
CA GLU B 128 12.33 -26.69 -9.92
C GLU B 128 13.64 -27.24 -10.50
N ALA B 129 13.56 -28.22 -11.39
CA ALA B 129 14.75 -28.81 -11.98
C ALA B 129 15.24 -28.10 -13.24
N PHE B 130 14.46 -27.14 -13.74
CA PHE B 130 14.88 -26.44 -14.95
C PHE B 130 15.43 -25.03 -14.71
N SER B 131 16.36 -24.63 -15.57
CA SER B 131 17.01 -23.34 -15.48
C SER B 131 16.18 -22.17 -15.96
N ASP B 132 16.53 -20.98 -15.49
CA ASP B 132 15.88 -19.74 -15.90
C ASP B 132 16.74 -19.01 -16.93
N ASP B 133 17.87 -19.60 -17.29
CA ASP B 133 18.79 -18.94 -18.24
C ASP B 133 18.32 -18.83 -19.69
N GLY B 134 17.13 -19.35 -19.99
CA GLY B 134 16.62 -19.26 -21.35
C GLY B 134 17.05 -20.37 -22.29
N SER B 135 17.91 -21.28 -21.83
CA SER B 135 18.36 -22.37 -22.67
C SER B 135 17.33 -23.50 -22.73
N GLY B 136 16.45 -23.55 -21.74
CA GLY B 136 15.44 -24.59 -21.72
C GLY B 136 16.02 -25.89 -21.17
N GLY B 137 17.21 -25.79 -20.59
CA GLY B 137 17.86 -26.97 -20.04
C GLY B 137 17.74 -27.09 -18.53
N ARG B 138 18.42 -28.10 -17.98
CA ARG B 138 18.39 -28.38 -16.54
C ARG B 138 19.18 -27.39 -15.68
N ARG B 139 18.66 -27.13 -14.49
CA ARG B 139 19.30 -26.25 -13.53
C ARG B 139 20.54 -27.01 -13.03
N ASP B 140 21.66 -26.31 -12.87
CA ASP B 140 22.87 -26.97 -12.38
C ASP B 140 22.85 -27.07 -10.85
N SER B 141 22.64 -28.28 -10.34
CA SER B 141 22.59 -28.51 -8.91
C SER B 141 23.31 -29.82 -8.61
N ASN B 142 23.52 -30.13 -7.33
CA ASN B 142 24.19 -31.38 -7.01
C ASN B 142 23.37 -32.56 -7.53
N LEU B 143 22.05 -32.42 -7.50
CA LEU B 143 21.15 -33.48 -7.98
C LEU B 143 21.33 -33.71 -9.48
N GLN B 144 21.33 -32.65 -10.27
CA GLN B 144 21.50 -32.78 -11.72
C GLN B 144 22.86 -33.35 -12.05
N ARG B 145 23.87 -33.01 -11.25
CA ARG B 145 25.21 -33.52 -11.49
C ARG B 145 25.37 -35.01 -11.20
N THR B 146 24.34 -35.64 -10.63
CA THR B 146 24.40 -37.07 -10.36
C THR B 146 24.08 -37.82 -11.65
N GLY B 147 23.47 -37.11 -12.59
CA GLY B 147 23.09 -37.71 -13.85
C GLY B 147 21.74 -37.17 -14.29
N ASN B 148 21.58 -36.94 -15.58
CA ASN B 148 20.33 -36.40 -16.12
C ASN B 148 19.10 -37.23 -15.78
N ASP B 149 19.32 -38.50 -15.45
CA ASP B 149 18.22 -39.40 -15.10
C ASP B 149 17.73 -39.29 -13.66
N TRP B 150 18.25 -38.32 -12.90
CA TRP B 150 17.83 -38.21 -11.51
C TRP B 150 16.33 -37.97 -11.35
N ILE B 151 15.74 -37.19 -12.25
CA ILE B 151 14.32 -36.90 -12.17
C ILE B 151 13.51 -38.18 -12.41
N GLU B 152 13.88 -38.92 -13.45
CA GLU B 152 13.21 -40.17 -13.80
C GLU B 152 13.28 -41.15 -12.62
N VAL B 153 14.46 -41.26 -12.04
CA VAL B 153 14.65 -42.16 -10.90
C VAL B 153 13.78 -41.75 -9.71
N ALA B 154 13.67 -40.45 -9.46
CA ALA B 154 12.85 -39.98 -8.35
C ALA B 154 11.40 -40.39 -8.54
N PHE B 155 10.90 -40.25 -9.76
CA PHE B 155 9.53 -40.62 -10.04
C PHE B 155 9.29 -42.14 -9.96
N ARG B 156 10.24 -42.93 -10.47
CA ARG B 156 10.08 -44.37 -10.39
C ARG B 156 10.10 -44.79 -8.91
N THR B 157 10.95 -44.15 -8.12
CA THR B 157 11.06 -44.46 -6.70
C THR B 157 9.75 -44.11 -5.97
N ALA B 158 9.23 -42.92 -6.25
CA ALA B 158 7.99 -42.46 -5.63
C ALA B 158 6.81 -43.38 -5.95
N ARG B 159 6.68 -43.78 -7.22
CA ARG B 159 5.59 -44.67 -7.62
C ARG B 159 5.54 -45.94 -6.77
N ALA B 160 6.71 -46.54 -6.54
CA ALA B 160 6.79 -47.76 -5.76
C ALA B 160 6.52 -47.53 -4.28
N ALA B 161 6.96 -46.39 -3.78
CA ALA B 161 6.79 -46.04 -2.36
C ALA B 161 5.33 -45.84 -1.97
N ASP B 162 4.55 -45.22 -2.85
CA ASP B 162 3.12 -44.99 -2.60
C ASP B 162 2.40 -44.88 -3.93
N PRO B 163 1.95 -46.02 -4.48
CA PRO B 163 1.24 -46.04 -5.75
C PRO B 163 -0.13 -45.36 -5.75
N ALA B 164 -0.60 -44.96 -4.57
CA ALA B 164 -1.91 -44.32 -4.47
C ALA B 164 -1.81 -42.80 -4.70
N ALA B 165 -0.62 -42.25 -4.59
CA ALA B 165 -0.43 -40.82 -4.75
C ALA B 165 -0.20 -40.39 -6.20
N LYS B 166 -0.72 -39.21 -6.54
CA LYS B 166 -0.51 -38.68 -7.88
C LYS B 166 0.87 -38.03 -7.80
N LEU B 167 1.74 -38.36 -8.75
CA LEU B 167 3.10 -37.82 -8.74
C LEU B 167 3.22 -36.62 -9.67
N CYS B 168 3.60 -35.49 -9.11
CA CYS B 168 3.74 -34.26 -9.89
C CYS B 168 5.15 -33.72 -10.00
N TYR B 169 5.41 -33.05 -11.11
CA TYR B 169 6.68 -32.37 -11.32
C TYR B 169 6.21 -30.93 -11.14
N ASN B 170 6.87 -30.18 -10.26
CA ASN B 170 6.46 -28.80 -9.94
C ASN B 170 7.57 -27.80 -10.31
N ASP B 171 7.17 -26.64 -10.85
CA ASP B 171 8.14 -25.60 -11.22
C ASP B 171 7.45 -24.25 -11.40
N TYR B 172 8.26 -23.19 -11.50
CA TYR B 172 7.77 -21.84 -11.71
C TYR B 172 8.28 -21.31 -13.05
N ASN B 173 7.68 -20.20 -13.52
CA ASN B 173 8.04 -19.59 -14.79
C ASN B 173 7.89 -20.59 -15.94
N ILE B 174 6.89 -21.46 -15.84
CA ILE B 174 6.59 -22.44 -16.88
C ILE B 174 5.12 -22.29 -17.28
N GLU B 175 4.56 -21.11 -17.02
CA GLU B 175 3.17 -20.82 -17.33
C GLU B 175 2.99 -20.23 -18.73
N ASN B 176 3.93 -19.36 -19.14
CA ASN B 176 3.86 -18.74 -20.47
C ASN B 176 4.40 -19.74 -21.48
N TRP B 177 3.56 -20.14 -22.42
CA TRP B 177 3.96 -21.12 -23.41
C TRP B 177 5.22 -20.78 -24.22
N THR B 178 5.42 -19.50 -24.51
CA THR B 178 6.58 -19.09 -25.31
C THR B 178 7.95 -19.21 -24.65
N TRP B 179 7.99 -19.36 -23.34
CA TRP B 179 9.28 -19.46 -22.64
C TRP B 179 9.98 -20.80 -22.87
N ALA B 180 11.29 -20.75 -23.04
CA ALA B 180 12.09 -21.96 -23.26
C ALA B 180 11.96 -22.95 -22.10
N LYS B 181 11.87 -22.42 -20.87
CA LYS B 181 11.74 -23.26 -19.69
C LYS B 181 10.46 -24.09 -19.79
N THR B 182 9.37 -23.42 -20.13
CA THR B 182 8.07 -24.08 -20.27
C THR B 182 8.17 -25.24 -21.25
N GLN B 183 8.81 -25.01 -22.38
CA GLN B 183 8.94 -26.02 -23.42
C GLN B 183 9.92 -27.12 -23.06
N GLY B 184 10.90 -26.80 -22.22
CA GLY B 184 11.86 -27.82 -21.80
C GLY B 184 11.17 -28.80 -20.88
N VAL B 185 10.29 -28.28 -20.04
CA VAL B 185 9.53 -29.12 -19.12
C VAL B 185 8.56 -30.00 -19.93
N TYR B 186 7.92 -29.39 -20.92
CA TYR B 186 6.98 -30.12 -21.77
C TYR B 186 7.66 -31.32 -22.42
N ASN B 187 8.84 -31.10 -22.99
CA ASN B 187 9.58 -32.18 -23.64
C ASN B 187 9.93 -33.31 -22.69
N MET B 188 10.31 -32.96 -21.46
CA MET B 188 10.65 -33.98 -20.48
C MET B 188 9.44 -34.84 -20.15
N VAL B 189 8.33 -34.19 -19.82
CA VAL B 189 7.12 -34.91 -19.48
C VAL B 189 6.70 -35.76 -20.67
N ARG B 190 6.83 -35.22 -21.87
CA ARG B 190 6.47 -35.96 -23.09
C ARG B 190 7.33 -37.21 -23.17
N ASP B 191 8.63 -37.05 -22.96
CA ASP B 191 9.58 -38.17 -23.01
C ASP B 191 9.19 -39.21 -21.96
N PHE B 192 8.92 -38.76 -20.74
CA PHE B 192 8.53 -39.64 -19.66
C PHE B 192 7.32 -40.50 -20.02
N LYS B 193 6.24 -39.87 -20.46
CA LYS B 193 5.03 -40.61 -20.82
C LYS B 193 5.33 -41.58 -21.96
N GLN B 194 6.15 -41.13 -22.89
CA GLN B 194 6.53 -41.94 -24.05
C GLN B 194 7.28 -43.21 -23.64
N ARG B 195 8.14 -43.11 -22.63
CA ARG B 195 8.93 -44.25 -22.17
C ARG B 195 8.35 -44.96 -20.94
N GLY B 196 7.18 -44.53 -20.51
CA GLY B 196 6.57 -45.18 -19.36
C GLY B 196 7.08 -44.76 -18.00
N VAL B 197 7.75 -43.62 -17.90
CA VAL B 197 8.23 -43.13 -16.62
C VAL B 197 6.98 -42.69 -15.86
N PRO B 198 6.84 -43.12 -14.61
CA PRO B 198 5.69 -42.77 -13.76
C PRO B 198 5.52 -41.30 -13.41
N ILE B 199 4.64 -40.59 -14.12
CA ILE B 199 4.36 -39.19 -13.82
C ILE B 199 2.88 -38.95 -14.10
N ASP B 200 2.17 -38.43 -13.10
CA ASP B 200 0.73 -38.22 -13.21
C ASP B 200 0.29 -36.76 -13.32
N CYS B 201 1.16 -35.84 -12.95
CA CYS B 201 0.78 -34.44 -12.94
C CYS B 201 1.92 -33.45 -13.06
N VAL B 202 1.59 -32.24 -13.48
CA VAL B 202 2.57 -31.17 -13.58
C VAL B 202 2.01 -29.99 -12.81
N GLY B 203 2.79 -29.49 -11.86
CA GLY B 203 2.34 -28.36 -11.07
C GLY B 203 2.93 -27.05 -11.58
N PHE B 204 2.06 -26.09 -11.81
CA PHE B 204 2.48 -24.76 -12.26
C PHE B 204 2.37 -23.86 -11.04
N GLN B 205 3.52 -23.52 -10.46
CA GLN B 205 3.55 -22.70 -9.26
C GLN B 205 2.71 -21.43 -9.40
N SER B 206 2.78 -20.83 -10.58
CA SER B 206 2.02 -19.63 -10.87
C SER B 206 2.31 -18.43 -9.95
N HIS B 207 3.59 -18.10 -9.81
CA HIS B 207 3.98 -16.94 -9.02
C HIS B 207 4.08 -15.83 -10.06
N PHE B 208 3.01 -15.06 -10.19
CA PHE B 208 2.94 -13.99 -11.18
C PHE B 208 3.26 -12.60 -10.61
N ASN B 209 4.02 -11.82 -11.37
CA ASN B 209 4.36 -10.45 -10.99
C ASN B 209 4.78 -9.71 -12.26
N SER B 210 5.06 -8.42 -12.17
CA SER B 210 5.41 -7.70 -13.38
C SER B 210 6.69 -8.19 -14.05
N GLY B 211 7.51 -8.94 -13.31
CA GLY B 211 8.73 -9.49 -13.86
C GLY B 211 8.39 -10.69 -14.74
N SER B 212 7.47 -11.51 -14.26
CA SER B 212 7.01 -12.70 -14.99
C SER B 212 5.49 -12.66 -14.84
N PRO B 213 4.82 -11.85 -15.67
CA PRO B 213 3.37 -11.70 -15.64
C PRO B 213 2.56 -12.84 -16.24
N TYR B 214 1.31 -12.92 -15.78
CA TYR B 214 0.38 -13.91 -16.28
C TYR B 214 0.13 -13.55 -17.74
N ASN B 215 0.04 -14.57 -18.60
CA ASN B 215 -0.24 -14.36 -20.02
C ASN B 215 -1.42 -15.26 -20.35
N SER B 216 -2.34 -14.76 -21.15
CA SER B 216 -3.52 -15.55 -21.50
C SER B 216 -3.18 -16.87 -22.19
N ASN B 217 -1.97 -17.00 -22.74
CA ASN B 217 -1.62 -18.26 -23.39
C ASN B 217 -1.38 -19.36 -22.36
N PHE B 218 -1.59 -19.04 -21.09
CA PHE B 218 -1.42 -20.02 -20.02
C PHE B 218 -2.44 -21.14 -20.24
N ARG B 219 -3.61 -20.79 -20.78
CA ARG B 219 -4.62 -21.81 -21.02
C ARG B 219 -4.08 -22.83 -22.02
N THR B 220 -3.35 -22.37 -23.04
CA THR B 220 -2.82 -23.30 -24.03
C THR B 220 -1.70 -24.15 -23.42
N THR B 221 -0.96 -23.57 -22.49
CA THR B 221 0.12 -24.31 -21.82
C THR B 221 -0.53 -25.47 -21.07
N LEU B 222 -1.58 -25.17 -20.31
CA LEU B 222 -2.28 -26.19 -19.56
C LEU B 222 -2.85 -27.27 -20.48
N GLN B 223 -3.47 -26.85 -21.59
CA GLN B 223 -4.05 -27.79 -22.54
C GLN B 223 -2.97 -28.68 -23.16
N ASN B 224 -1.82 -28.08 -23.50
CA ASN B 224 -0.73 -28.85 -24.09
C ASN B 224 -0.26 -29.96 -23.15
N PHE B 225 -0.04 -29.64 -21.88
CA PHE B 225 0.40 -30.65 -20.94
C PHE B 225 -0.70 -31.70 -20.71
N ALA B 226 -1.95 -31.25 -20.58
CA ALA B 226 -3.06 -32.19 -20.37
C ALA B 226 -3.13 -33.20 -21.51
N ALA B 227 -2.78 -32.74 -22.71
CA ALA B 227 -2.82 -33.60 -23.90
C ALA B 227 -1.77 -34.71 -23.85
N LEU B 228 -0.77 -34.55 -22.99
CA LEU B 228 0.28 -35.57 -22.86
C LEU B 228 -0.21 -36.72 -21.99
N GLY B 229 -1.38 -36.55 -21.39
CA GLY B 229 -1.92 -37.60 -20.54
C GLY B 229 -1.61 -37.41 -19.06
N VAL B 230 -1.43 -36.17 -18.64
CA VAL B 230 -1.16 -35.88 -17.24
C VAL B 230 -2.15 -34.84 -16.75
N ASP B 231 -2.42 -34.84 -15.45
CA ASP B 231 -3.31 -33.83 -14.90
C ASP B 231 -2.45 -32.62 -14.69
N VAL B 232 -3.08 -31.46 -14.50
CA VAL B 232 -2.32 -30.25 -14.25
C VAL B 232 -2.90 -29.58 -13.01
N ALA B 233 -2.09 -28.79 -12.32
CA ALA B 233 -2.54 -28.11 -11.12
C ALA B 233 -1.80 -26.81 -10.92
N ILE B 234 -2.52 -25.80 -10.44
CA ILE B 234 -1.93 -24.50 -10.14
C ILE B 234 -1.61 -24.69 -8.66
N THR B 235 -0.32 -24.79 -8.36
CA THR B 235 0.16 -25.12 -7.02
C THR B 235 0.56 -24.05 -6.01
N GLU B 236 1.06 -22.90 -6.46
CA GLU B 236 1.51 -21.88 -5.52
C GLU B 236 1.13 -20.48 -5.99
N LEU B 237 -0.10 -20.36 -6.47
CA LEU B 237 -0.58 -19.10 -6.98
C LEU B 237 -0.56 -17.90 -6.05
N ASP B 238 -0.01 -16.80 -6.57
CA ASP B 238 -0.01 -15.51 -5.91
C ASP B 238 0.30 -14.53 -7.03
N ILE B 239 -0.37 -13.38 -6.99
CA ILE B 239 -0.24 -12.37 -8.02
C ILE B 239 0.08 -11.01 -7.42
N GLN B 240 1.23 -10.48 -7.80
CA GLN B 240 1.67 -9.18 -7.30
C GLN B 240 0.58 -8.17 -7.59
N GLY B 241 0.06 -7.55 -6.53
CA GLY B 241 -0.99 -6.55 -6.71
C GLY B 241 -2.37 -7.15 -6.58
N ALA B 242 -2.45 -8.48 -6.70
CA ALA B 242 -3.72 -9.20 -6.59
C ALA B 242 -4.83 -8.67 -7.48
N SER B 243 -4.52 -8.42 -8.74
CA SER B 243 -5.51 -7.93 -9.70
C SER B 243 -6.71 -8.87 -9.74
N SER B 244 -7.91 -8.31 -9.56
CA SER B 244 -9.12 -9.11 -9.60
C SER B 244 -9.23 -9.81 -10.96
N SER B 245 -8.95 -9.07 -12.03
CA SER B 245 -9.03 -9.62 -13.37
C SER B 245 -8.04 -10.75 -13.60
N THR B 246 -6.81 -10.58 -13.12
CA THR B 246 -5.81 -11.62 -13.30
C THR B 246 -6.18 -12.86 -12.50
N TYR B 247 -6.64 -12.66 -11.25
CA TYR B 247 -7.05 -13.80 -10.44
C TYR B 247 -8.20 -14.57 -11.09
N ALA B 248 -9.13 -13.82 -11.69
CA ALA B 248 -10.27 -14.44 -12.35
C ALA B 248 -9.83 -15.18 -13.60
N ALA B 249 -8.91 -14.58 -14.36
CA ALA B 249 -8.41 -15.18 -15.58
C ALA B 249 -7.75 -16.52 -15.30
N VAL B 250 -6.91 -16.57 -14.27
CA VAL B 250 -6.23 -17.81 -13.91
C VAL B 250 -7.25 -18.87 -13.50
N THR B 251 -8.25 -18.45 -12.73
CA THR B 251 -9.28 -19.35 -12.28
C THR B 251 -10.04 -19.94 -13.47
N ASN B 252 -10.41 -19.08 -14.41
CA ASN B 252 -11.15 -19.55 -15.59
C ASN B 252 -10.30 -20.44 -16.49
N ASP B 253 -8.98 -20.24 -16.48
CA ASP B 253 -8.10 -21.08 -17.29
C ASP B 253 -8.15 -22.52 -16.76
N CYS B 254 -8.11 -22.66 -15.44
CA CYS B 254 -8.15 -23.99 -14.84
C CYS B 254 -9.52 -24.61 -15.12
N LEU B 255 -10.57 -23.82 -14.97
CA LEU B 255 -11.93 -24.31 -15.20
C LEU B 255 -12.20 -24.64 -16.66
N ALA B 256 -11.36 -24.17 -17.57
CA ALA B 256 -11.52 -24.46 -19.00
C ALA B 256 -10.81 -25.74 -19.39
N VAL B 257 -9.92 -26.22 -18.52
CA VAL B 257 -9.16 -27.45 -18.78
C VAL B 257 -9.66 -28.57 -17.86
N SER B 258 -10.30 -29.57 -18.46
CA SER B 258 -10.87 -30.67 -17.67
C SER B 258 -9.89 -31.39 -16.77
N ARG B 259 -8.62 -31.45 -17.17
CA ARG B 259 -7.61 -32.12 -16.39
C ARG B 259 -7.00 -31.23 -15.30
N CYS B 260 -7.47 -29.99 -15.18
CA CYS B 260 -6.94 -29.11 -14.14
C CYS B 260 -7.64 -29.49 -12.83
N LEU B 261 -6.88 -30.11 -11.94
CA LEU B 261 -7.40 -30.58 -10.66
C LEU B 261 -7.85 -29.50 -9.69
N GLY B 262 -7.22 -28.34 -9.75
CA GLY B 262 -7.59 -27.29 -8.83
C GLY B 262 -6.52 -26.23 -8.68
N ILE B 263 -6.77 -25.30 -7.76
CA ILE B 263 -5.88 -24.19 -7.50
C ILE B 263 -5.52 -24.07 -6.04
N THR B 264 -4.24 -23.83 -5.78
CA THR B 264 -3.75 -23.61 -4.43
C THR B 264 -3.08 -22.24 -4.45
N VAL B 265 -3.45 -21.35 -3.53
CA VAL B 265 -2.80 -20.04 -3.45
C VAL B 265 -1.74 -20.23 -2.37
N TRP B 266 -0.60 -19.56 -2.53
CA TRP B 266 0.51 -19.72 -1.60
C TRP B 266 0.43 -18.90 -0.32
N GLY B 267 -0.57 -19.21 0.49
CA GLY B 267 -0.74 -18.50 1.75
C GLY B 267 -2.17 -18.05 1.99
N VAL B 268 -2.44 -17.63 3.21
CA VAL B 268 -3.77 -17.19 3.58
C VAL B 268 -3.92 -15.67 3.47
N ARG B 269 -3.28 -14.94 4.38
CA ARG B 269 -3.35 -13.48 4.36
C ARG B 269 -2.06 -12.90 3.76
N ASP B 270 -2.15 -11.70 3.20
CA ASP B 270 -0.97 -11.06 2.61
C ASP B 270 0.20 -11.04 3.59
N THR B 271 -0.12 -10.83 4.85
CA THR B 271 0.90 -10.78 5.89
C THR B 271 1.56 -12.14 6.13
N ASP B 272 0.95 -13.21 5.63
CA ASP B 272 1.51 -14.55 5.79
C ASP B 272 2.34 -14.93 4.56
N SER B 273 2.24 -14.12 3.52
CA SER B 273 2.95 -14.39 2.27
C SER B 273 4.46 -14.24 2.32
N TRP B 274 5.14 -15.10 1.56
CA TRP B 274 6.60 -15.06 1.48
C TRP B 274 6.99 -13.79 0.71
N ARG B 275 5.98 -13.15 0.11
CA ARG B 275 6.19 -11.91 -0.65
C ARG B 275 5.11 -10.91 -0.25
N SER B 276 4.98 -10.70 1.05
CA SER B 276 3.97 -9.78 1.59
C SER B 276 4.00 -8.40 0.95
N GLY B 277 5.20 -7.95 0.57
CA GLY B 277 5.34 -6.64 -0.06
C GLY B 277 4.54 -6.52 -1.35
N ASP B 278 4.25 -7.65 -1.98
CA ASP B 278 3.49 -7.63 -3.22
C ASP B 278 1.99 -7.86 -2.98
N THR B 279 1.57 -7.88 -1.70
CA THR B 279 0.15 -8.11 -1.32
C THR B 279 -0.49 -8.95 -2.42
N PRO B 280 0.05 -10.14 -2.67
CA PRO B 280 -0.39 -11.09 -3.69
C PRO B 280 -1.43 -12.15 -3.37
N LEU B 281 -2.03 -12.11 -2.18
CA LEU B 281 -3.02 -13.12 -1.81
C LEU B 281 -4.47 -12.61 -1.82
N LEU B 282 -5.39 -13.45 -1.34
CA LEU B 282 -6.82 -13.11 -1.35
C LEU B 282 -7.40 -12.46 -0.09
N PHE B 283 -6.62 -12.46 0.99
CA PHE B 283 -7.07 -11.85 2.24
C PHE B 283 -5.98 -10.90 2.72
N ASN B 284 -6.37 -9.75 3.26
CA ASN B 284 -5.34 -8.84 3.73
C ASN B 284 -4.99 -9.13 5.19
N GLY B 285 -4.05 -8.37 5.75
CA GLY B 285 -3.60 -8.57 7.12
C GLY B 285 -4.64 -8.72 8.21
N ASP B 286 -5.68 -7.89 8.19
CA ASP B 286 -6.69 -7.98 9.24
C ASP B 286 -7.70 -9.08 8.95
N GLY B 287 -7.39 -9.92 7.98
CA GLY B 287 -8.26 -11.04 7.65
C GLY B 287 -9.47 -10.76 6.77
N SER B 288 -9.60 -9.53 6.27
CA SER B 288 -10.75 -9.21 5.43
C SER B 288 -10.56 -9.70 3.99
N LYS B 289 -11.67 -10.06 3.35
CA LYS B 289 -11.63 -10.52 1.97
C LYS B 289 -11.26 -9.36 1.07
N LYS B 290 -10.38 -9.62 0.11
CA LYS B 290 -9.96 -8.58 -0.83
C LYS B 290 -10.86 -8.60 -2.07
N ALA B 291 -10.73 -7.57 -2.90
CA ALA B 291 -11.54 -7.51 -4.11
C ALA B 291 -11.31 -8.76 -4.94
N ALA B 292 -10.07 -9.24 -4.98
CA ALA B 292 -9.73 -10.43 -5.74
C ALA B 292 -10.45 -11.67 -5.23
N TYR B 293 -10.73 -11.72 -3.92
CA TYR B 293 -11.41 -12.88 -3.36
C TYR B 293 -12.78 -13.03 -4.04
N THR B 294 -13.53 -11.94 -4.11
CA THR B 294 -14.85 -11.97 -4.72
C THR B 294 -14.76 -12.33 -6.20
N ALA B 295 -13.71 -11.86 -6.87
CA ALA B 295 -13.52 -12.14 -8.29
C ALA B 295 -13.30 -13.64 -8.50
N VAL B 296 -12.51 -14.26 -7.63
CA VAL B 296 -12.25 -15.69 -7.73
C VAL B 296 -13.50 -16.50 -7.42
N LEU B 297 -14.20 -16.15 -6.35
CA LEU B 297 -15.41 -16.86 -5.97
C LEU B 297 -16.44 -16.80 -7.11
N ASN B 298 -16.63 -15.60 -7.66
CA ASN B 298 -17.58 -15.43 -8.75
C ASN B 298 -17.18 -16.27 -9.96
N ALA B 299 -15.87 -16.35 -10.22
CA ALA B 299 -15.36 -17.13 -11.34
C ALA B 299 -15.64 -18.63 -11.13
N LEU B 300 -15.34 -19.12 -9.92
CA LEU B 300 -15.56 -20.51 -9.58
C LEU B 300 -17.04 -20.85 -9.72
N ASN B 301 -17.91 -19.90 -9.39
CA ASN B 301 -19.35 -20.10 -9.47
C ASN B 301 -19.92 -19.93 -10.88
N GLY B 302 -19.04 -19.85 -11.88
CA GLY B 302 -19.50 -19.73 -13.24
C GLY B 302 -19.49 -18.33 -13.84
N GLY B 303 -19.25 -17.32 -13.01
CA GLY B 303 -19.22 -15.96 -13.50
C GLY B 303 -20.59 -15.31 -13.56
N SER B 304 -20.66 -14.18 -14.27
CA SER B 304 -21.92 -13.45 -14.41
C SER B 304 -22.49 -13.60 -15.81
N SER B 305 -23.81 -13.52 -15.91
CA SER B 305 -24.49 -13.65 -17.21
C SER B 305 -23.94 -12.62 -18.20
N THR B 306 -23.73 -11.40 -17.72
CA THR B 306 -23.21 -10.33 -18.57
C THR B 306 -21.92 -9.74 -18.01
N PRO B 307 -20.87 -9.65 -18.84
CA PRO B 307 -19.56 -9.10 -18.45
C PRO B 307 -19.66 -7.69 -17.84
N PRO B 308 -18.86 -7.43 -16.79
CA PRO B 308 -18.83 -6.13 -16.11
C PRO B 308 -18.63 -4.95 -17.05
N PRO B 309 -19.30 -3.82 -16.79
CA PRO B 309 -19.19 -2.61 -17.60
C PRO B 309 -17.76 -2.09 -17.70
N SER B 310 -17.10 -2.42 -18.80
CA SER B 310 -15.72 -1.98 -19.02
C SER B 310 -15.62 -0.47 -18.94
N GLY B 311 -15.02 0.02 -17.85
CA GLY B 311 -14.87 1.45 -17.68
C GLY B 311 -16.20 2.16 -17.48
N GLY B 312 -16.18 3.27 -16.75
CA GLY B 312 -17.40 4.03 -16.51
C GLY B 312 -18.54 3.16 -16.03
N GLY B 313 -19.76 3.69 -16.10
CA GLY B 313 -20.91 2.93 -15.67
C GLY B 313 -21.57 3.49 -14.43
N GLN B 314 -22.90 3.49 -14.42
CA GLN B 314 -23.67 3.99 -13.29
C GLN B 314 -23.93 2.87 -12.29
N ILE B 315 -24.22 3.24 -11.05
CA ILE B 315 -24.53 2.28 -10.01
C ILE B 315 -25.91 2.60 -9.47
N LYS B 316 -26.92 1.92 -10.02
CA LYS B 316 -28.30 2.13 -9.61
C LYS B 316 -28.79 1.17 -8.55
N GLY B 317 -29.40 1.73 -7.51
CA GLY B 317 -29.94 0.90 -6.44
C GLY B 317 -31.27 0.36 -6.88
N VAL B 318 -31.46 -0.96 -6.77
CA VAL B 318 -32.70 -1.59 -7.18
C VAL B 318 -33.90 -1.05 -6.40
N GLY B 319 -33.70 -0.82 -5.11
CA GLY B 319 -34.78 -0.33 -4.26
C GLY B 319 -35.20 1.11 -4.50
N SER B 320 -34.44 1.86 -5.29
CA SER B 320 -34.77 3.25 -5.55
C SER B 320 -34.84 3.57 -7.04
N GLY B 321 -34.07 2.84 -7.84
CA GLY B 321 -34.06 3.08 -9.28
C GLY B 321 -33.13 4.23 -9.62
N ARG B 322 -32.59 4.88 -8.60
CA ARG B 322 -31.68 6.00 -8.78
C ARG B 322 -30.23 5.53 -8.78
N CYS B 323 -29.34 6.38 -9.30
CA CYS B 323 -27.92 6.05 -9.37
C CYS B 323 -27.09 6.77 -8.32
N LEU B 324 -25.98 6.13 -7.92
CA LEU B 324 -25.07 6.70 -6.94
C LEU B 324 -24.60 8.01 -7.56
N ASP B 325 -24.79 9.11 -6.85
CA ASP B 325 -24.43 10.42 -7.38
C ASP B 325 -23.67 11.32 -6.40
N VAL B 326 -22.67 12.04 -6.91
CA VAL B 326 -21.88 12.96 -6.10
C VAL B 326 -22.56 14.33 -6.14
N PRO B 327 -23.07 14.80 -5.00
CA PRO B 327 -23.77 16.10 -4.86
C PRO B 327 -23.22 17.26 -5.70
N ASN B 328 -24.05 17.72 -6.63
CA ASN B 328 -23.70 18.82 -7.52
C ASN B 328 -22.37 18.69 -8.25
N ALA B 329 -22.04 17.46 -8.65
CA ALA B 329 -20.79 17.19 -9.36
C ALA B 329 -19.58 17.78 -8.66
N SER B 330 -19.64 17.86 -7.34
CA SER B 330 -18.53 18.40 -6.54
C SER B 330 -17.33 17.46 -6.59
N THR B 331 -16.14 18.04 -6.51
CA THR B 331 -14.90 17.25 -6.53
C THR B 331 -14.14 17.47 -5.23
N THR B 332 -14.82 18.07 -4.25
CA THR B 332 -14.21 18.34 -2.95
C THR B 332 -14.16 17.08 -2.10
N ASP B 333 -12.98 16.74 -1.59
CA ASP B 333 -12.84 15.55 -0.75
C ASP B 333 -13.70 15.70 0.48
N GLY B 334 -14.33 14.61 0.91
CA GLY B 334 -15.18 14.66 2.08
C GLY B 334 -16.65 14.82 1.74
N THR B 335 -16.95 14.95 0.46
CA THR B 335 -18.32 15.10 0.01
C THR B 335 -19.06 13.77 0.05
N GLN B 336 -20.08 13.67 0.90
CA GLN B 336 -20.86 12.45 1.03
C GLN B 336 -21.73 12.24 -0.21
N VAL B 337 -21.75 11.02 -0.71
CA VAL B 337 -22.55 10.69 -1.90
C VAL B 337 -24.01 10.50 -1.58
N GLN B 338 -24.84 10.45 -2.63
CA GLN B 338 -26.28 10.29 -2.48
C GLN B 338 -26.88 9.57 -3.68
N LEU B 339 -28.20 9.42 -3.65
CA LEU B 339 -28.93 8.79 -4.73
C LEU B 339 -29.57 9.90 -5.55
N TYR B 340 -29.63 9.74 -6.87
CA TYR B 340 -30.22 10.75 -7.73
C TYR B 340 -30.59 10.17 -9.08
N ASP B 341 -31.59 10.78 -9.72
CA ASP B 341 -32.04 10.33 -11.03
C ASP B 341 -30.87 10.17 -11.99
N CYS B 342 -30.65 8.94 -12.44
CA CYS B 342 -29.55 8.63 -13.36
C CYS B 342 -29.58 9.55 -14.58
N HIS B 343 -28.40 9.94 -15.04
CA HIS B 343 -28.28 10.80 -16.21
C HIS B 343 -26.82 10.87 -16.68
N SER B 344 -26.64 11.11 -17.98
CA SER B 344 -25.30 11.20 -18.55
C SER B 344 -24.48 12.32 -17.93
N ALA B 345 -23.75 12.00 -16.87
CA ALA B 345 -22.92 12.97 -16.17
C ALA B 345 -21.79 12.26 -15.44
N THR B 346 -20.58 12.81 -15.54
CA THR B 346 -19.41 12.23 -14.90
C THR B 346 -19.55 12.00 -13.40
N ASN B 347 -20.43 12.76 -12.74
CA ASN B 347 -20.62 12.62 -11.30
C ASN B 347 -21.49 11.41 -10.98
N GLN B 348 -21.67 10.53 -11.96
CA GLN B 348 -22.47 9.32 -11.79
C GLN B 348 -21.81 8.15 -12.52
N GLN B 349 -20.66 8.43 -13.12
CA GLN B 349 -19.91 7.41 -13.85
C GLN B 349 -18.80 6.86 -12.95
N TRP B 350 -19.00 5.65 -12.45
CA TRP B 350 -18.01 5.02 -11.59
C TRP B 350 -17.29 3.89 -12.28
N THR B 351 -16.00 3.77 -12.00
CA THR B 351 -15.17 2.73 -12.59
C THR B 351 -14.65 1.80 -11.50
N TYR B 352 -14.95 0.51 -11.63
CA TYR B 352 -14.49 -0.48 -10.67
C TYR B 352 -13.13 -0.97 -11.14
N THR B 353 -12.08 -0.65 -10.38
CA THR B 353 -10.73 -1.03 -10.75
C THR B 353 -10.35 -2.43 -10.27
N ASP B 354 -9.27 -2.96 -10.82
CA ASP B 354 -8.79 -4.29 -10.44
C ASP B 354 -8.33 -4.33 -9.00
N ALA B 355 -8.08 -3.15 -8.44
CA ALA B 355 -7.64 -3.03 -7.06
C ALA B 355 -8.85 -3.00 -6.13
N GLY B 356 -10.04 -2.85 -6.72
CA GLY B 356 -11.26 -2.82 -5.93
C GLY B 356 -11.80 -1.45 -5.58
N GLU B 357 -11.32 -0.42 -6.27
CA GLU B 357 -11.78 0.94 -5.99
C GLU B 357 -12.98 1.28 -6.87
N LEU B 358 -13.75 2.27 -6.41
CA LEU B 358 -14.88 2.77 -7.15
C LEU B 358 -14.51 4.23 -7.43
N ARG B 359 -13.92 4.45 -8.60
CA ARG B 359 -13.47 5.78 -8.98
C ARG B 359 -14.49 6.63 -9.72
N VAL B 360 -14.35 7.93 -9.57
CA VAL B 360 -15.20 8.91 -10.21
C VAL B 360 -14.32 10.12 -10.52
N TYR B 361 -14.55 10.75 -11.66
CA TYR B 361 -13.76 11.91 -12.08
C TYR B 361 -12.34 11.50 -12.47
N GLY B 362 -12.05 10.21 -12.34
CA GLY B 362 -10.73 9.72 -12.71
C GLY B 362 -9.72 9.53 -11.57
N ASP B 363 -9.80 10.35 -10.53
CA ASP B 363 -8.83 10.20 -9.44
C ASP B 363 -9.43 10.38 -8.05
N LYS B 364 -10.76 10.35 -7.96
CA LYS B 364 -11.45 10.45 -6.68
C LYS B 364 -11.97 9.05 -6.39
N CYS B 365 -11.98 8.65 -5.12
CA CYS B 365 -12.42 7.31 -4.75
C CYS B 365 -13.55 7.25 -3.73
N LEU B 366 -14.45 6.29 -3.92
CA LEU B 366 -15.55 6.11 -2.97
C LEU B 366 -14.79 5.83 -1.69
N ASP B 367 -15.06 6.61 -0.66
CA ASP B 367 -14.31 6.52 0.58
C ASP B 367 -15.16 6.47 1.85
N ALA B 368 -14.70 5.69 2.83
CA ALA B 368 -15.38 5.58 4.13
C ALA B 368 -14.37 5.98 5.21
N ALA B 369 -14.71 6.99 6.01
CA ALA B 369 -13.81 7.46 7.05
C ALA B 369 -13.93 6.66 8.35
N GLY B 370 -14.78 5.64 8.34
CA GLY B 370 -14.97 4.83 9.52
C GLY B 370 -15.33 3.39 9.17
N THR B 371 -15.52 2.57 10.19
CA THR B 371 -15.85 1.17 9.98
C THR B 371 -17.16 0.76 10.65
N GLY B 372 -17.70 1.65 11.48
CA GLY B 372 -18.95 1.35 12.16
C GLY B 372 -20.18 1.77 11.39
N ASN B 373 -21.34 1.29 11.83
CA ASN B 373 -22.60 1.62 11.15
C ASN B 373 -22.80 3.13 11.20
N GLY B 374 -23.43 3.68 10.17
CA GLY B 374 -23.68 5.10 10.13
C GLY B 374 -22.55 5.89 9.49
N THR B 375 -21.42 5.22 9.24
CA THR B 375 -20.29 5.89 8.61
C THR B 375 -20.70 6.44 7.26
N LYS B 376 -20.43 7.71 7.03
CA LYS B 376 -20.79 8.35 5.76
C LYS B 376 -19.89 7.89 4.63
N VAL B 377 -20.50 7.59 3.49
CA VAL B 377 -19.75 7.17 2.31
C VAL B 377 -19.54 8.45 1.51
N GLN B 378 -18.27 8.77 1.25
CA GLN B 378 -17.93 10.00 0.55
C GLN B 378 -16.88 9.77 -0.53
N ILE B 379 -16.32 10.85 -1.04
CA ILE B 379 -15.26 10.77 -2.03
C ILE B 379 -14.02 11.39 -1.42
N TYR B 380 -12.86 10.88 -1.80
CA TYR B 380 -11.58 11.36 -1.29
C TYR B 380 -10.53 10.94 -2.30
N SER B 381 -9.43 11.68 -2.38
CA SER B 381 -8.36 11.34 -3.31
C SER B 381 -7.99 9.87 -3.18
N CYS B 382 -7.86 9.20 -4.32
CA CYS B 382 -7.49 7.79 -4.32
C CYS B 382 -6.06 7.59 -3.84
N TRP B 383 -5.87 6.67 -2.89
CA TRP B 383 -4.53 6.38 -2.39
C TRP B 383 -4.34 4.89 -2.10
N GLY B 384 -5.40 4.11 -2.23
CA GLY B 384 -5.29 2.68 -2.01
C GLY B 384 -5.59 2.11 -0.63
N GLY B 385 -6.15 2.92 0.27
CA GLY B 385 -6.47 2.41 1.59
C GLY B 385 -7.58 1.37 1.47
N ASP B 386 -7.67 0.47 2.45
CA ASP B 386 -8.72 -0.55 2.41
C ASP B 386 -10.10 0.07 2.58
N ASN B 387 -10.13 1.29 3.10
CA ASN B 387 -11.39 2.00 3.30
C ASN B 387 -11.84 2.60 1.97
N GLN B 388 -11.05 2.36 0.92
CA GLN B 388 -11.39 2.83 -0.42
C GLN B 388 -11.53 1.64 -1.35
N LYS B 389 -11.60 0.45 -0.76
CA LYS B 389 -11.74 -0.77 -1.55
C LYS B 389 -13.07 -1.44 -1.27
N TRP B 390 -13.69 -1.96 -2.33
CA TRP B 390 -14.99 -2.58 -2.21
C TRP B 390 -15.10 -3.90 -2.96
N ARG B 391 -16.05 -4.71 -2.53
CA ARG B 391 -16.29 -6.00 -3.16
C ARG B 391 -17.69 -6.00 -3.75
N LEU B 392 -17.81 -6.43 -5.00
CA LEU B 392 -19.09 -6.49 -5.67
C LEU B 392 -19.65 -7.90 -5.54
N ASN B 393 -20.46 -8.12 -4.52
CA ASN B 393 -21.04 -9.45 -4.29
C ASN B 393 -22.00 -9.82 -5.41
N SER B 394 -22.16 -11.13 -5.62
CA SER B 394 -23.05 -11.62 -6.65
C SER B 394 -24.50 -11.27 -6.35
N ASP B 395 -24.83 -11.11 -5.06
CA ASP B 395 -26.20 -10.79 -4.67
C ASP B 395 -26.52 -9.32 -4.94
N GLY B 396 -25.57 -8.60 -5.52
CA GLY B 396 -25.79 -7.20 -5.85
C GLY B 396 -25.38 -6.16 -4.82
N SER B 397 -24.93 -6.61 -3.65
CA SER B 397 -24.51 -5.68 -2.61
C SER B 397 -23.05 -5.28 -2.81
N ILE B 398 -22.69 -4.12 -2.30
CA ILE B 398 -21.32 -3.61 -2.40
C ILE B 398 -20.78 -3.49 -0.98
N VAL B 399 -19.76 -4.29 -0.68
CA VAL B 399 -19.17 -4.32 0.65
C VAL B 399 -17.79 -3.68 0.76
N GLY B 400 -17.60 -2.89 1.81
CA GLY B 400 -16.31 -2.25 2.02
C GLY B 400 -15.32 -3.27 2.54
N VAL B 401 -14.15 -3.35 1.90
CA VAL B 401 -13.13 -4.30 2.32
C VAL B 401 -12.75 -4.15 3.79
N GLN B 402 -12.37 -2.93 4.18
CA GLN B 402 -11.97 -2.67 5.56
C GLN B 402 -13.06 -2.85 6.61
N SER B 403 -14.25 -2.30 6.34
CA SER B 403 -15.35 -2.38 7.29
C SER B 403 -16.18 -3.66 7.24
N GLY B 404 -16.28 -4.26 6.06
CA GLY B 404 -17.08 -5.46 5.92
C GLY B 404 -18.55 -5.10 5.93
N LEU B 405 -18.84 -3.80 5.82
CA LEU B 405 -20.21 -3.30 5.82
C LEU B 405 -20.67 -2.95 4.41
N CYS B 406 -21.98 -3.05 4.17
CA CYS B 406 -22.55 -2.78 2.87
C CYS B 406 -22.96 -1.31 2.64
N LEU B 407 -22.89 -0.87 1.38
CA LEU B 407 -23.30 0.49 1.04
C LEU B 407 -24.78 0.49 1.34
N ASP B 408 -25.24 1.49 2.10
CA ASP B 408 -26.63 1.56 2.49
C ASP B 408 -27.27 2.93 2.31
N ALA B 409 -28.44 2.96 1.67
CA ALA B 409 -29.17 4.21 1.45
C ALA B 409 -29.91 4.50 2.75
N VAL B 410 -29.40 5.47 3.50
CA VAL B 410 -29.97 5.87 4.78
C VAL B 410 -31.49 5.78 4.86
N GLY B 411 -31.98 5.11 5.89
CA GLY B 411 -33.42 4.94 6.10
C GLY B 411 -34.18 4.41 4.91
N GLY B 412 -33.59 3.46 4.19
CA GLY B 412 -34.26 2.90 3.03
C GLY B 412 -34.75 3.96 2.08
N GLY B 413 -34.18 5.17 2.20
CA GLY B 413 -34.58 6.26 1.34
C GLY B 413 -34.47 5.89 -0.13
N THR B 414 -35.41 6.35 -0.93
CA THR B 414 -35.42 6.06 -2.36
C THR B 414 -35.48 7.34 -3.19
N ALA B 415 -35.78 8.45 -2.53
CA ALA B 415 -35.87 9.74 -3.20
C ALA B 415 -34.50 10.36 -3.45
N ASN B 416 -34.47 11.40 -4.26
CA ASN B 416 -33.22 12.10 -4.57
C ASN B 416 -32.75 12.84 -3.33
N GLY B 417 -31.44 12.78 -3.08
CA GLY B 417 -30.89 13.45 -1.92
C GLY B 417 -30.62 12.45 -0.80
N THR B 418 -31.13 11.23 -0.98
CA THR B 418 -30.92 10.18 0.01
C THR B 418 -29.42 9.93 0.09
N LEU B 419 -28.87 10.12 1.28
CA LEU B 419 -27.44 9.92 1.51
C LEU B 419 -27.07 8.45 1.56
N ILE B 420 -25.77 8.17 1.37
CA ILE B 420 -25.26 6.81 1.41
C ILE B 420 -24.39 6.64 2.64
N GLN B 421 -24.52 5.50 3.31
CA GLN B 421 -23.74 5.22 4.52
C GLN B 421 -23.33 3.75 4.54
N LEU B 422 -22.59 3.36 5.57
CA LEU B 422 -22.17 1.99 5.75
C LEU B 422 -23.09 1.38 6.80
N TYR B 423 -23.44 0.11 6.63
CA TYR B 423 -24.32 -0.55 7.60
C TYR B 423 -24.29 -2.05 7.37
N SER B 424 -24.55 -2.80 8.44
CA SER B 424 -24.58 -4.26 8.37
C SER B 424 -25.40 -4.69 7.16
N CYS B 425 -24.84 -5.57 6.35
CA CYS B 425 -25.53 -6.06 5.17
C CYS B 425 -26.84 -6.74 5.59
N SER B 426 -27.87 -6.63 4.76
CA SER B 426 -29.17 -7.20 5.11
C SER B 426 -30.00 -7.69 3.91
N ASN B 427 -29.41 -7.70 2.72
CA ASN B 427 -30.13 -8.13 1.52
C ASN B 427 -31.25 -7.16 1.15
N GLY B 428 -31.35 -6.06 1.90
CA GLY B 428 -32.38 -5.07 1.61
C GLY B 428 -32.26 -4.56 0.20
N SER B 429 -33.35 -4.04 -0.34
CA SER B 429 -33.35 -3.50 -1.70
C SER B 429 -32.55 -2.19 -1.76
N ASN B 430 -32.34 -1.58 -0.60
CA ASN B 430 -31.59 -0.33 -0.53
C ASN B 430 -30.10 -0.61 -0.35
N GLN B 431 -29.72 -1.88 -0.53
CA GLN B 431 -28.33 -2.31 -0.43
C GLN B 431 -27.93 -3.09 -1.67
N ARG B 432 -28.85 -3.18 -2.63
CA ARG B 432 -28.59 -3.88 -3.88
C ARG B 432 -28.37 -2.86 -4.97
N TRP B 433 -27.45 -3.16 -5.88
CA TRP B 433 -27.14 -2.23 -6.96
C TRP B 433 -26.97 -2.96 -8.29
N THR B 434 -27.32 -2.28 -9.37
CA THR B 434 -27.21 -2.84 -10.71
C THR B 434 -26.17 -2.06 -11.50
N ARG B 435 -25.28 -2.77 -12.18
CA ARG B 435 -24.24 -2.14 -12.97
C ARG B 435 -24.77 -1.74 -14.35
N THR B 436 -25.96 -1.15 -14.37
CA THR B 436 -26.58 -0.73 -15.61
C THR B 436 -25.76 0.39 -16.27
#